data_8Z68
#
_entry.id   8Z68
#
loop_
_entity.id
_entity.type
_entity.pdbx_description
1 polymer 'Guanine nucleotide-binding protein G(s) subunit alpha isoforms short'
2 polymer 'Guanine nucleotide-binding protein G(I)/G(S)/G(T) subunit beta-1'
3 polymer 'Guanine nucleotide-binding protein G(I)/G(S)/G(O) subunit gamma-2'
4 polymer scFv16
5 polymer 'Ovarian cancer G-protein coupled receptor 1'
#
loop_
_entity_poly.entity_id
_entity_poly.type
_entity_poly.pdbx_seq_one_letter_code
_entity_poly.pdbx_strand_id
1 'polypeptide(L)'
;MGCTLSAEDKAAVERSKMIEKQLQKDKQVYRATHRLLLLGADNSGKSTIVKQMRIYHVNGYSEEECKQYKAVVYSNTIQS
IIAIIRAMGRLKIDFGDSARADDARQLFVLAGAAEEGFMTAELAGVIKRLWKDSGVQACFNRSREYQLNDSAAYYLNDLD
RIAQPNYIPTQQDVLRTRVKTSGIFETKFQVDKVNFHMFDVGAQRDERRKWIQCFNDVTAIIFVVDSSDYNRLQEALNDF
KSIWNNRWLRTISVILFLNKQDLLAEKVLAGKSKIEDYFPEFARYTTPEDATPEPGEDPRVTRAKYFIRDEFLRISTASG
DGRHYCYPHFTCSVDTENARRIFNDCRDIIQRMHLRQYELL
;
A
2 'polypeptide(L)'
;MHHHHHHGSLLQSELDQLRQEAEQLKNQIRDARKACADATLSQITNNIDPVGRIQMRTRRTLRGHLAKIYAMHWGTDSRL
LVSASQDGKLIIWDSYTTNKVHAIPLRSSWVMTCAYAPSGNYVACGGLDNICSIYNLKTREGNVRVSRELAGHTGYLSCC
RFLDDNQIVTSSGDTTCALWDIETGQQTTTFTGHTGDVMSLSLAPDTRLFVSGACDASAKLWDVREGMCRQTFTGHESDI
NAICFFPNGNAFATGSDDATCRLFDLRADQELMTYSHDNIICGITSVSFSKSGRLLLAGYDDFNCNVWDALKADRAGVLA
GHDNRVSCLGVTDDGMAVATGSWDSFLKIWNGSSGGGGSGGGGSSGVSGWRLFKKIS
;
B
3 'polypeptide(L)' NTASIAQARKLVEQLKMEANIDRIKVSKAAADLMAYCEAHAKEDPLLTPVPASENPFRE G
4 'polypeptide(L)'
;MLLVNQSHQGFNKEHTSKMVSAIVLYVLLAAAAHSAFAVQLVESGGGLVQPGGSRKLSCSASGFAFSSFGMHWVRQAPEK
GLEWVAYISSGSGTIYYADTVKGRFTISRDDPKNTLFLQMTSLRSEDTAMYYCVRSIYYYGSSPFDFWGQGTTLTVSAGG
GGSGGGGSGGGGSADIVMTQATSSVPVTPGESVSISCRSSKSLLHSNGNTYLYWFLQRPGQSPQLLIYRMSNLASGVPDR
FSGSGSGTAFTLTISRLEAEDVGVYYCMQHLEYPLTFGAGTKLEL
;
S
5 'polypeptide(L)'
;MGNITADNSSMSCTIDHTIHQTLAPVVYVTVLVVGFPANCLSLYFGYLQIKARNELGVYLCNLTVADLFYICSLPFWLQY
VLQHDNWSHGDLSCQVCGILLYENIYISVGFLCCISVDRYLAVAHPFRFHQFRTLKAAVGVSVVIWAKELLTSIYFLMHE
EVIEDENQHRVCFEHYPIQAWQRAINYYRFLVGFLFPICLLLASYQGILRAVRRSHGTQKSRKDQIQRLVLSTVVIFLAC
FLPYHVLLLVRSVWEASCDFAKGVFNAYHFSLLLTSFNCVADPVLYCFVSETTHRDLARLRGACLAFLTCSRTGRAREA
;
R
#
# COMPACT_ATOMS: atom_id res chain seq x y z
N THR A 4 -12.69 20.75 17.13
CA THR A 4 -11.87 19.65 16.67
C THR A 4 -11.65 19.72 15.16
N LEU A 5 -12.72 19.55 14.40
CA LEU A 5 -12.65 19.59 12.94
C LEU A 5 -13.69 20.56 12.40
N SER A 6 -13.30 21.33 11.39
CA SER A 6 -14.23 22.20 10.69
C SER A 6 -15.13 21.38 9.77
N ALA A 7 -16.21 22.01 9.33
CA ALA A 7 -17.18 21.30 8.50
C ALA A 7 -16.54 20.82 7.21
N GLU A 8 -15.74 21.68 6.57
CA GLU A 8 -15.02 21.27 5.38
C GLU A 8 -14.01 20.17 5.70
N ASP A 9 -13.41 20.21 6.88
CA ASP A 9 -12.50 19.14 7.28
C ASP A 9 -13.23 17.82 7.43
N LYS A 10 -14.43 17.83 8.04
CA LYS A 10 -15.20 16.60 8.16
C LYS A 10 -15.61 16.08 6.79
N ALA A 11 -15.97 16.98 5.87
CA ALA A 11 -16.33 16.54 4.54
C ALA A 11 -15.12 15.97 3.79
N ALA A 12 -13.94 16.55 3.99
CA ALA A 12 -12.72 15.98 3.41
C ALA A 12 -12.44 14.60 3.98
N VAL A 13 -12.67 14.41 5.28
CA VAL A 13 -12.51 13.10 5.89
C VAL A 13 -13.49 12.11 5.29
N GLU A 14 -14.72 12.56 5.03
CA GLU A 14 -15.70 11.69 4.38
C GLU A 14 -15.25 11.29 2.98
N ARG A 15 -14.69 12.24 2.24
CA ARG A 15 -14.14 11.92 0.92
C ARG A 15 -13.03 10.89 1.02
N SER A 16 -12.16 11.04 2.02
CA SER A 16 -11.10 10.05 2.23
C SER A 16 -11.68 8.68 2.57
N LYS A 17 -12.75 8.65 3.36
CA LYS A 17 -13.38 7.38 3.69
C LYS A 17 -13.97 6.71 2.46
N MET A 18 -14.60 7.48 1.57
CA MET A 18 -15.10 6.89 0.34
C MET A 18 -13.97 6.38 -0.55
N ILE A 19 -12.86 7.13 -0.59
CA ILE A 19 -11.69 6.66 -1.33
C ILE A 19 -11.19 5.35 -0.74
N GLU A 20 -11.19 5.24 0.59
CA GLU A 20 -10.80 3.99 1.24
C GLU A 20 -11.74 2.86 0.86
N LYS A 21 -13.04 3.14 0.79
CA LYS A 21 -14.00 2.10 0.41
C LYS A 21 -13.74 1.60 -1.00
N GLN A 22 -13.48 2.52 -1.93
CA GLN A 22 -13.16 2.11 -3.29
C GLN A 22 -11.85 1.33 -3.33
N LEU A 23 -10.88 1.73 -2.53
CA LEU A 23 -9.61 1.00 -2.47
C LEU A 23 -9.80 -0.40 -1.91
N GLN A 24 -10.70 -0.57 -0.95
CA GLN A 24 -11.00 -1.91 -0.45
C GLN A 24 -11.68 -2.76 -1.51
N LYS A 25 -12.61 -2.17 -2.26
CA LYS A 25 -13.22 -2.90 -3.36
C LYS A 25 -12.18 -3.32 -4.38
N ASP A 26 -11.19 -2.46 -4.62
CA ASP A 26 -10.13 -2.80 -5.57
C ASP A 26 -9.15 -3.81 -5.00
N LYS A 27 -8.96 -3.81 -3.68
CA LYS A 27 -8.14 -4.84 -3.05
C LYS A 27 -8.78 -6.21 -3.16
N GLN A 28 -10.12 -6.26 -3.05
CA GLN A 28 -10.82 -7.52 -3.22
C GLN A 28 -10.58 -8.12 -4.59
N VAL A 29 -10.30 -7.29 -5.58
CA VAL A 29 -10.03 -7.77 -6.94
C VAL A 29 -8.54 -8.07 -7.14
N TYR A 30 -7.67 -7.20 -6.59
CA TYR A 30 -6.24 -7.41 -6.71
C TYR A 30 -5.81 -8.69 -6.03
N ARG A 31 -6.37 -8.99 -4.85
CA ARG A 31 -5.99 -10.19 -4.13
C ARG A 31 -6.43 -11.45 -4.86
N ALA A 32 -7.54 -11.39 -5.60
CA ALA A 32 -8.07 -12.54 -6.31
C ALA A 32 -7.59 -12.62 -7.75
N THR A 33 -6.72 -11.71 -8.18
CA THR A 33 -6.19 -11.71 -9.53
C THR A 33 -4.70 -12.03 -9.48
N HIS A 34 -4.27 -12.99 -10.29
CA HIS A 34 -2.90 -13.49 -10.27
C HIS A 34 -2.13 -12.95 -11.45
N ARG A 35 -0.96 -12.38 -11.19
CA ARG A 35 -0.14 -11.74 -12.20
C ARG A 35 0.98 -12.67 -12.63
N LEU A 36 1.14 -12.84 -13.94
CA LEU A 36 2.13 -13.74 -14.51
C LEU A 36 3.08 -12.94 -15.38
N LEU A 37 4.33 -13.39 -15.44
CA LEU A 37 5.32 -12.73 -16.29
C LEU A 37 5.75 -13.70 -17.37
N LEU A 38 5.43 -13.38 -18.62
CA LEU A 38 5.78 -14.23 -19.75
C LEU A 38 7.16 -13.83 -20.27
N LEU A 39 8.08 -14.79 -20.32
CA LEU A 39 9.42 -14.57 -20.80
C LEU A 39 9.78 -15.65 -21.83
N GLY A 40 10.69 -15.29 -22.72
CA GLY A 40 11.07 -16.19 -23.78
C GLY A 40 11.98 -15.49 -24.77
N ALA A 41 12.06 -16.05 -25.97
CA ALA A 41 12.85 -15.48 -27.05
C ALA A 41 11.99 -15.36 -28.29
N ASP A 42 12.55 -14.76 -29.34
CA ASP A 42 11.82 -14.63 -30.59
C ASP A 42 11.49 -15.99 -31.19
N ASN A 43 12.43 -16.94 -31.10
CA ASN A 43 12.17 -18.29 -31.58
C ASN A 43 11.05 -18.95 -30.79
N SER A 44 11.04 -18.76 -29.47
CA SER A 44 9.99 -19.33 -28.65
C SER A 44 8.64 -18.80 -29.07
N GLY A 45 7.66 -19.69 -29.17
CA GLY A 45 6.34 -19.27 -29.61
C GLY A 45 5.49 -18.72 -28.48
N LYS A 46 6.01 -17.72 -27.77
CA LYS A 46 5.20 -17.11 -26.72
C LYS A 46 4.12 -16.22 -27.31
N SER A 47 4.37 -15.64 -28.48
CA SER A 47 3.33 -14.88 -29.17
C SER A 47 2.17 -15.79 -29.58
N THR A 48 2.50 -16.98 -30.08
CA THR A 48 1.44 -17.94 -30.42
C THR A 48 0.68 -18.39 -29.19
N ILE A 49 1.38 -18.57 -28.07
CA ILE A 49 0.70 -18.93 -26.82
C ILE A 49 -0.25 -17.82 -26.40
N VAL A 50 0.21 -16.57 -26.48
CA VAL A 50 -0.65 -15.44 -26.13
C VAL A 50 -1.88 -15.41 -27.02
N LYS A 51 -1.68 -15.58 -28.32
CA LYS A 51 -2.79 -15.50 -29.26
C LYS A 51 -3.80 -16.61 -29.01
N GLN A 52 -3.34 -17.86 -28.89
CA GLN A 52 -4.23 -19.00 -28.75
C GLN A 52 -4.73 -19.19 -27.32
N MET A 53 -4.25 -18.37 -26.39
CA MET A 53 -4.82 -18.35 -25.06
C MET A 53 -5.75 -17.17 -24.83
N ARG A 54 -5.58 -16.06 -25.53
CA ARG A 54 -6.53 -14.96 -25.54
C ARG A 54 -7.75 -15.26 -26.39
N ILE A 55 -7.56 -15.97 -27.51
CA ILE A 55 -8.70 -16.33 -28.35
C ILE A 55 -9.64 -17.29 -27.61
N TYR A 56 -9.07 -18.27 -26.92
CA TYR A 56 -9.87 -19.26 -26.21
C TYR A 56 -10.42 -18.75 -24.89
N HIS A 57 -9.93 -17.62 -24.40
CA HIS A 57 -10.39 -17.08 -23.13
C HIS A 57 -10.17 -15.58 -23.05
N VAL A 179 1.13 3.00 -28.79
CA VAL A 179 0.89 1.57 -28.94
C VAL A 179 1.99 0.95 -29.80
N LYS A 180 2.55 1.75 -30.69
CA LYS A 180 3.63 1.28 -31.55
C LYS A 180 4.86 0.91 -30.74
N THR A 181 5.18 1.72 -29.73
CA THR A 181 6.34 1.49 -28.88
C THR A 181 5.96 1.02 -27.48
N SER A 182 4.77 0.44 -27.33
CA SER A 182 4.30 0.02 -26.02
C SER A 182 5.12 -1.15 -25.51
N GLY A 183 5.71 -0.99 -24.34
CA GLY A 183 6.63 -1.97 -23.79
C GLY A 183 6.00 -3.10 -23.02
N ILE A 184 4.72 -3.01 -22.70
CA ILE A 184 4.03 -4.05 -21.94
C ILE A 184 2.77 -4.45 -22.71
N PHE A 185 2.48 -5.75 -22.69
CA PHE A 185 1.28 -6.30 -23.30
C PHE A 185 0.60 -7.17 -22.26
N GLU A 186 -0.59 -6.78 -21.84
CA GLU A 186 -1.33 -7.49 -20.80
C GLU A 186 -2.38 -8.37 -21.47
N THR A 187 -2.28 -9.67 -21.24
CA THR A 187 -3.28 -10.63 -21.70
C THR A 187 -4.01 -11.16 -20.47
N LYS A 188 -5.30 -10.86 -20.39
CA LYS A 188 -6.12 -11.24 -19.25
C LYS A 188 -6.97 -12.44 -19.65
N PHE A 189 -6.83 -13.54 -18.91
CA PHE A 189 -7.67 -14.70 -19.16
C PHE A 189 -8.20 -15.23 -17.84
N GLN A 190 -9.05 -16.25 -17.91
CA GLN A 190 -9.75 -16.75 -16.74
C GLN A 190 -9.92 -18.26 -16.85
N VAL A 191 -9.53 -18.96 -15.80
CA VAL A 191 -9.65 -20.41 -15.72
C VAL A 191 -10.34 -20.77 -14.41
N ASP A 192 -11.40 -21.58 -14.49
CA ASP A 192 -12.15 -22.00 -13.30
C ASP A 192 -12.54 -20.81 -12.44
N LYS A 193 -12.96 -19.74 -13.10
CA LYS A 193 -13.45 -18.53 -12.44
C LYS A 193 -12.37 -17.85 -11.60
N VAL A 194 -11.11 -18.01 -11.96
CA VAL A 194 -10.03 -17.23 -11.36
C VAL A 194 -9.29 -16.52 -12.49
N ASN A 195 -8.91 -15.27 -12.23
CA ASN A 195 -8.39 -14.37 -13.25
C ASN A 195 -6.87 -14.38 -13.25
N PHE A 196 -6.29 -14.29 -14.44
CA PHE A 196 -4.85 -14.26 -14.63
C PHE A 196 -4.49 -13.14 -15.59
N HIS A 197 -3.36 -12.50 -15.32
CA HIS A 197 -2.83 -11.42 -16.16
C HIS A 197 -1.40 -11.78 -16.56
N MET A 198 -1.20 -12.27 -17.79
CA MET A 198 0.15 -12.37 -18.31
C MET A 198 0.62 -11.01 -18.78
N PHE A 199 1.91 -10.75 -18.59
CA PHE A 199 2.51 -9.48 -18.97
C PHE A 199 3.73 -9.78 -19.82
N ASP A 200 3.56 -9.67 -21.14
CA ASP A 200 4.65 -9.84 -22.09
C ASP A 200 5.37 -8.51 -22.26
N VAL A 201 6.67 -8.59 -22.51
CA VAL A 201 7.51 -7.42 -22.71
C VAL A 201 7.94 -7.40 -24.17
N GLY A 202 7.65 -6.30 -24.86
CA GLY A 202 7.85 -6.29 -26.30
C GLY A 202 8.50 -5.07 -26.90
N ALA A 203 8.77 -4.05 -26.08
CA ALA A 203 9.39 -2.83 -26.58
C ALA A 203 10.45 -2.33 -25.59
N GLN A 204 11.27 -3.25 -25.13
CA GLN A 204 12.36 -2.93 -24.22
C GLN A 204 13.67 -3.51 -24.74
N ARG A 205 14.77 -2.94 -24.26
CA ARG A 205 16.09 -3.31 -24.71
C ARG A 205 16.43 -4.74 -24.29
N ASP A 206 17.56 -5.24 -24.81
CA ASP A 206 17.99 -6.59 -24.47
C ASP A 206 18.34 -6.71 -22.99
N GLU A 207 18.70 -5.61 -22.34
CA GLU A 207 18.98 -5.63 -20.91
C GLU A 207 17.69 -5.91 -20.13
N ARG A 208 17.82 -6.72 -19.10
CA ARG A 208 16.68 -7.12 -18.28
C ARG A 208 16.92 -6.91 -16.79
N ARG A 209 18.10 -6.44 -16.40
CA ARG A 209 18.49 -6.43 -15.00
C ARG A 209 17.57 -5.59 -14.14
N LYS A 210 16.97 -4.54 -14.70
CA LYS A 210 16.25 -3.57 -13.89
C LYS A 210 14.74 -3.74 -13.92
N TRP A 211 14.11 -3.79 -15.08
CA TRP A 211 12.66 -3.89 -15.08
C TRP A 211 12.16 -5.21 -14.50
N ILE A 212 13.02 -6.22 -14.44
CA ILE A 212 12.65 -7.50 -13.83
C ILE A 212 12.33 -7.31 -12.36
N GLN A 213 12.96 -6.32 -11.72
CA GLN A 213 12.67 -6.03 -10.32
C GLN A 213 11.21 -5.69 -10.10
N CYS A 214 10.52 -5.22 -11.15
CA CYS A 214 9.11 -4.88 -11.03
C CYS A 214 8.25 -6.12 -10.80
N PHE A 215 8.79 -7.31 -11.00
CA PHE A 215 8.01 -8.55 -10.94
C PHE A 215 8.47 -9.44 -9.80
N ASN A 216 8.74 -8.85 -8.63
CA ASN A 216 9.14 -9.66 -7.48
C ASN A 216 7.96 -10.27 -6.75
N ASP A 217 6.75 -9.84 -7.06
CA ASP A 217 5.55 -10.33 -6.38
C ASP A 217 4.62 -11.09 -7.30
N VAL A 218 4.99 -11.30 -8.57
CA VAL A 218 4.13 -12.04 -9.48
C VAL A 218 4.04 -13.49 -9.03
N THR A 219 2.90 -14.11 -9.31
CA THR A 219 2.69 -15.49 -8.91
C THR A 219 3.68 -16.42 -9.60
N ALA A 220 3.92 -16.23 -10.90
CA ALA A 220 4.79 -17.13 -11.63
C ALA A 220 5.42 -16.43 -12.82
N ILE A 221 6.53 -16.99 -13.28
CA ILE A 221 7.19 -16.59 -14.51
C ILE A 221 7.08 -17.75 -15.48
N ILE A 222 6.38 -17.52 -16.60
CA ILE A 222 6.22 -18.53 -17.63
C ILE A 222 7.36 -18.38 -18.63
N PHE A 223 8.28 -19.33 -18.63
CA PHE A 223 9.46 -19.29 -19.48
C PHE A 223 9.27 -20.23 -20.65
N VAL A 224 9.16 -19.67 -21.86
CA VAL A 224 8.92 -20.44 -23.08
C VAL A 224 10.24 -20.65 -23.79
N VAL A 225 10.56 -21.90 -24.11
CA VAL A 225 11.82 -22.28 -24.73
C VAL A 225 11.52 -23.08 -25.99
N ASP A 226 12.19 -22.74 -27.09
CA ASP A 226 12.09 -23.52 -28.32
C ASP A 226 13.04 -24.72 -28.17
N SER A 227 12.46 -25.90 -27.94
CA SER A 227 13.26 -27.10 -27.79
C SER A 227 13.86 -27.56 -29.11
N SER A 228 13.31 -27.12 -30.24
CA SER A 228 13.78 -27.59 -31.53
C SER A 228 15.14 -27.01 -31.88
N ASP A 229 15.35 -25.72 -31.60
CA ASP A 229 16.61 -25.07 -31.95
C ASP A 229 17.71 -25.56 -31.04
N TYR A 230 18.55 -26.46 -31.55
CA TYR A 230 19.72 -26.88 -30.81
C TYR A 230 20.79 -25.79 -30.77
N ASN A 231 20.85 -24.94 -31.78
CA ASN A 231 21.87 -23.91 -31.85
C ASN A 231 21.70 -22.88 -30.74
N ARG A 232 20.46 -22.48 -30.46
CA ARG A 232 20.19 -21.46 -29.47
C ARG A 232 19.67 -22.02 -28.15
N LEU A 233 19.79 -23.35 -27.95
CA LEU A 233 19.35 -23.93 -26.69
C LEU A 233 20.23 -23.52 -25.53
N GLN A 234 21.54 -23.36 -25.78
CA GLN A 234 22.43 -22.90 -24.72
C GLN A 234 22.11 -21.46 -24.31
N GLU A 235 21.73 -20.62 -25.27
CA GLU A 235 21.31 -19.27 -24.94
C GLU A 235 20.06 -19.28 -24.07
N ALA A 236 19.11 -20.17 -24.38
CA ALA A 236 17.92 -20.31 -23.56
C ALA A 236 18.27 -20.78 -22.15
N LEU A 237 19.21 -21.73 -22.04
CA LEU A 237 19.62 -22.20 -20.72
C LEU A 237 20.28 -21.09 -19.93
N ASN A 238 21.12 -20.27 -20.58
CA ASN A 238 21.75 -19.17 -19.89
C ASN A 238 20.73 -18.13 -19.43
N ASP A 239 19.74 -17.84 -20.27
CA ASP A 239 18.70 -16.88 -19.89
C ASP A 239 17.89 -17.43 -18.71
N PHE A 240 17.55 -18.72 -18.74
CA PHE A 240 16.83 -19.31 -17.63
C PHE A 240 17.66 -19.31 -16.35
N LYS A 241 18.98 -19.49 -16.49
CA LYS A 241 19.86 -19.42 -15.33
C LYS A 241 19.87 -18.02 -14.75
N SER A 242 19.87 -17.01 -15.62
CA SER A 242 19.80 -15.63 -15.15
C SER A 242 18.51 -15.35 -14.41
N ILE A 243 17.39 -15.85 -14.95
CA ILE A 243 16.09 -15.64 -14.28
C ILE A 243 16.03 -16.37 -12.96
N TRP A 244 16.46 -17.64 -12.94
CA TRP A 244 16.33 -18.46 -11.75
C TRP A 244 17.17 -17.92 -10.59
N ASN A 245 18.38 -17.48 -10.88
CA ASN A 245 19.32 -17.04 -9.86
C ASN A 245 19.27 -15.55 -9.59
N ASN A 246 18.28 -14.85 -10.15
CA ASN A 246 18.12 -13.43 -9.91
C ASN A 246 17.76 -13.16 -8.46
N ARG A 247 18.26 -12.04 -7.94
CA ARG A 247 18.09 -11.72 -6.53
C ARG A 247 16.64 -11.41 -6.18
N TRP A 248 15.89 -10.81 -7.11
CA TRP A 248 14.54 -10.37 -6.83
C TRP A 248 13.48 -11.39 -7.23
N LEU A 249 13.89 -12.55 -7.73
CA LEU A 249 12.96 -13.62 -8.07
C LEU A 249 13.30 -14.88 -7.27
N ARG A 250 13.83 -14.71 -6.06
CA ARG A 250 14.24 -15.85 -5.25
C ARG A 250 13.07 -16.61 -4.65
N THR A 251 11.88 -16.01 -4.62
CA THR A 251 10.68 -16.67 -4.11
C THR A 251 9.61 -16.82 -5.18
N ILE A 252 10.00 -16.85 -6.45
CA ILE A 252 9.07 -16.86 -7.56
C ILE A 252 9.31 -18.11 -8.39
N SER A 253 8.25 -18.88 -8.61
CA SER A 253 8.35 -20.10 -9.36
C SER A 253 8.28 -19.84 -10.86
N VAL A 254 8.84 -20.77 -11.62
CA VAL A 254 8.89 -20.68 -13.07
C VAL A 254 8.12 -21.85 -13.64
N ILE A 255 7.10 -21.54 -14.44
CA ILE A 255 6.40 -22.55 -15.24
C ILE A 255 7.15 -22.64 -16.56
N LEU A 256 7.80 -23.77 -16.80
CA LEU A 256 8.69 -23.94 -17.93
C LEU A 256 7.91 -24.58 -19.08
N PHE A 257 7.72 -23.83 -20.16
CA PHE A 257 6.99 -24.29 -21.33
C PHE A 257 8.01 -24.63 -22.41
N LEU A 258 8.29 -25.92 -22.57
CA LEU A 258 9.18 -26.40 -23.62
C LEU A 258 8.37 -26.49 -24.91
N ASN A 259 8.20 -25.34 -25.56
CA ASN A 259 7.31 -25.22 -26.70
C ASN A 259 7.90 -25.89 -27.92
N LYS A 260 7.07 -25.99 -28.96
CA LYS A 260 7.44 -26.60 -30.24
C LYS A 260 7.97 -28.01 -30.05
N GLN A 261 7.16 -28.84 -29.39
CA GLN A 261 7.50 -30.24 -29.23
C GLN A 261 7.29 -31.02 -30.52
N ASP A 262 6.31 -30.62 -31.34
CA ASP A 262 6.09 -31.28 -32.62
C ASP A 262 7.27 -31.08 -33.56
N LEU A 263 7.82 -29.86 -33.59
CA LEU A 263 9.00 -29.61 -34.41
C LEU A 263 10.19 -30.43 -33.92
N LEU A 264 10.36 -30.55 -32.60
CA LEU A 264 11.42 -31.39 -32.07
C LEU A 264 11.23 -32.85 -32.46
N ALA A 265 9.99 -33.33 -32.40
CA ALA A 265 9.72 -34.71 -32.78
C ALA A 265 10.05 -34.93 -34.25
N GLU A 266 9.62 -34.02 -35.11
CA GLU A 266 9.93 -34.15 -36.54
C GLU A 266 11.42 -34.12 -36.78
N LYS A 267 12.13 -33.22 -36.11
CA LYS A 267 13.57 -33.10 -36.31
C LYS A 267 14.31 -34.36 -35.87
N VAL A 268 13.93 -34.92 -34.73
CA VAL A 268 14.62 -36.11 -34.24
C VAL A 268 14.28 -37.32 -35.11
N LEU A 269 13.02 -37.46 -35.52
CA LEU A 269 12.65 -38.58 -36.38
C LEU A 269 13.38 -38.50 -37.71
N ALA A 270 13.12 -37.44 -38.49
CA ALA A 270 13.87 -37.22 -39.73
C ALA A 270 15.23 -36.66 -39.33
N GLY A 271 16.12 -37.58 -38.95
CA GLY A 271 17.34 -37.19 -38.29
C GLY A 271 18.46 -36.74 -39.19
N LYS A 272 18.66 -35.42 -39.26
CA LYS A 272 19.79 -34.82 -39.96
C LYS A 272 20.71 -34.08 -39.01
N SER A 273 20.16 -33.31 -38.08
CA SER A 273 20.92 -32.65 -37.03
C SER A 273 20.77 -33.42 -35.72
N LYS A 274 21.87 -33.56 -35.01
CA LYS A 274 21.91 -34.36 -33.79
C LYS A 274 22.28 -33.49 -32.60
N ILE A 275 21.68 -33.79 -31.45
CA ILE A 275 22.00 -33.06 -30.23
C ILE A 275 23.43 -33.30 -29.79
N GLU A 276 23.99 -34.48 -30.11
CA GLU A 276 25.36 -34.79 -29.71
C GLU A 276 26.37 -33.82 -30.30
N ASP A 277 26.02 -33.13 -31.39
CA ASP A 277 26.89 -32.12 -31.97
C ASP A 277 26.86 -30.80 -31.23
N TYR A 278 25.90 -30.62 -30.32
CA TYR A 278 25.78 -29.39 -29.54
C TYR A 278 25.98 -29.63 -28.05
N PHE A 279 25.42 -30.69 -27.51
CA PHE A 279 25.63 -31.08 -26.11
C PHE A 279 26.35 -32.42 -26.07
N PRO A 280 27.65 -32.45 -25.78
CA PRO A 280 28.41 -33.70 -25.72
C PRO A 280 28.19 -34.47 -24.41
N GLU A 281 26.93 -34.59 -24.00
CA GLU A 281 26.54 -35.40 -22.86
C GLU A 281 25.28 -36.19 -23.17
N PHE A 282 24.79 -36.10 -24.41
CA PHE A 282 23.60 -36.83 -24.83
C PHE A 282 23.87 -38.30 -25.03
N ALA A 283 25.10 -38.66 -25.41
CA ALA A 283 25.44 -40.06 -25.60
C ALA A 283 25.36 -40.84 -24.29
N ARG A 284 25.90 -40.26 -23.22
CA ARG A 284 25.87 -40.90 -21.91
C ARG A 284 24.65 -40.46 -21.10
N TYR A 285 23.47 -40.56 -21.71
CA TYR A 285 22.23 -40.15 -21.07
C TYR A 285 21.16 -41.19 -21.34
N THR A 286 20.42 -41.55 -20.30
CA THR A 286 19.33 -42.51 -20.39
C THR A 286 18.03 -41.86 -19.95
N THR A 287 16.93 -42.29 -20.55
CA THR A 287 15.63 -41.74 -20.19
C THR A 287 15.34 -42.01 -18.72
N PRO A 288 14.95 -41.00 -17.96
CA PRO A 288 14.69 -41.23 -16.53
C PRO A 288 13.54 -42.21 -16.34
N GLU A 289 13.63 -42.99 -15.26
CA GLU A 289 12.60 -43.99 -14.99
C GLU A 289 11.25 -43.34 -14.74
N ASP A 290 11.23 -42.21 -14.03
CA ASP A 290 9.99 -41.49 -13.76
C ASP A 290 9.60 -40.63 -14.95
N ALA A 291 9.38 -41.29 -16.08
CA ALA A 291 9.02 -40.64 -17.32
C ALA A 291 7.59 -41.01 -17.70
N THR A 292 6.94 -40.11 -18.43
CA THR A 292 5.55 -40.29 -18.86
C THR A 292 5.47 -40.06 -20.37
N PRO A 293 6.02 -40.98 -21.16
CA PRO A 293 5.97 -40.81 -22.61
C PRO A 293 4.54 -40.79 -23.12
N GLU A 294 4.29 -39.95 -24.11
CA GLU A 294 2.97 -39.90 -24.72
C GLU A 294 2.74 -41.18 -25.50
N PRO A 295 1.48 -41.57 -25.70
CA PRO A 295 1.21 -42.80 -26.44
C PRO A 295 1.71 -42.70 -27.88
N GLY A 296 2.31 -43.79 -28.35
CA GLY A 296 2.73 -43.88 -29.74
C GLY A 296 3.75 -42.85 -30.19
N GLU A 297 4.77 -42.62 -29.38
CA GLU A 297 5.86 -41.72 -29.76
C GLU A 297 7.19 -42.36 -29.38
N ASP A 298 8.17 -42.22 -30.28
CA ASP A 298 9.36 -43.04 -30.24
C ASP A 298 10.21 -42.76 -29.01
N PRO A 299 11.01 -43.74 -28.58
CA PRO A 299 11.90 -43.50 -27.44
C PRO A 299 12.97 -42.45 -27.71
N ARG A 300 13.32 -42.21 -28.98
CA ARG A 300 14.35 -41.22 -29.28
C ARG A 300 13.89 -39.81 -28.98
N VAL A 301 12.67 -39.46 -29.40
CA VAL A 301 12.16 -38.12 -29.12
C VAL A 301 11.92 -37.95 -27.63
N THR A 302 11.50 -39.01 -26.95
CA THR A 302 11.37 -38.96 -25.50
C THR A 302 12.71 -38.68 -24.85
N ARG A 303 13.76 -39.38 -25.30
CA ARG A 303 15.09 -39.16 -24.76
C ARG A 303 15.54 -37.73 -24.99
N ALA A 304 15.30 -37.20 -26.19
CA ALA A 304 15.71 -35.83 -26.50
C ALA A 304 14.99 -34.81 -25.63
N LYS A 305 13.66 -34.88 -25.57
CA LYS A 305 12.92 -33.88 -24.84
C LYS A 305 13.17 -33.99 -23.35
N TYR A 306 13.35 -35.20 -22.82
CA TYR A 306 13.66 -35.32 -21.41
C TYR A 306 15.09 -34.90 -21.11
N PHE A 307 16.00 -35.01 -22.08
CA PHE A 307 17.33 -34.46 -21.90
C PHE A 307 17.29 -32.94 -21.78
N ILE A 308 16.50 -32.30 -22.65
CA ILE A 308 16.37 -30.84 -22.58
C ILE A 308 15.74 -30.43 -21.25
N ARG A 309 14.67 -31.12 -20.87
CA ARG A 309 14.01 -30.82 -19.60
C ARG A 309 14.95 -31.04 -18.43
N ASP A 310 15.81 -32.06 -18.52
CA ASP A 310 16.74 -32.34 -17.44
C ASP A 310 17.83 -31.30 -17.35
N GLU A 311 18.26 -30.74 -18.48
CA GLU A 311 19.19 -29.62 -18.44
C GLU A 311 18.57 -28.45 -17.70
N PHE A 312 17.33 -28.10 -18.06
CA PHE A 312 16.67 -26.98 -17.40
C PHE A 312 16.45 -27.26 -15.92
N LEU A 313 16.01 -28.46 -15.58
CA LEU A 313 15.74 -28.79 -14.19
C LEU A 313 17.02 -28.93 -13.38
N ARG A 314 18.13 -29.30 -14.02
CA ARG A 314 19.41 -29.28 -13.34
C ARG A 314 19.80 -27.86 -12.97
N ILE A 315 19.63 -26.92 -13.90
CA ILE A 315 19.87 -25.51 -13.54
C ILE A 315 18.94 -25.09 -12.41
N SER A 316 17.69 -25.55 -12.45
CA SER A 316 16.71 -25.14 -11.45
C SER A 316 17.06 -25.67 -10.06
N THR A 317 17.44 -26.94 -9.96
CA THR A 317 17.70 -27.58 -8.68
C THR A 317 19.13 -27.43 -8.22
N ALA A 318 20.01 -26.83 -9.02
CA ALA A 318 21.37 -26.56 -8.53
C ALA A 318 21.37 -25.63 -7.33
N SER A 319 20.40 -24.71 -7.25
CA SER A 319 20.32 -23.78 -6.15
C SER A 319 18.87 -23.37 -5.95
N GLY A 320 18.66 -22.43 -5.02
CA GLY A 320 17.34 -21.92 -4.75
C GLY A 320 16.66 -22.48 -3.53
N ASP A 321 17.22 -23.53 -2.92
CA ASP A 321 16.67 -24.18 -1.72
C ASP A 321 15.23 -24.62 -2.06
N GLY A 322 14.24 -24.28 -1.25
CA GLY A 322 12.88 -24.69 -1.52
C GLY A 322 11.90 -23.53 -1.60
N ARG A 323 12.44 -22.31 -1.70
CA ARG A 323 11.58 -21.14 -1.78
C ARG A 323 10.78 -21.12 -3.07
N HIS A 324 11.40 -21.55 -4.18
CA HIS A 324 10.75 -21.54 -5.48
C HIS A 324 11.05 -22.84 -6.21
N TYR A 325 10.14 -23.19 -7.13
CA TYR A 325 10.16 -24.48 -7.80
C TYR A 325 9.89 -24.28 -9.27
N CYS A 326 10.59 -25.04 -10.11
CA CYS A 326 10.40 -24.96 -11.55
C CYS A 326 9.44 -26.04 -12.02
N TYR A 327 8.37 -25.64 -12.67
CA TYR A 327 7.38 -26.57 -13.17
C TYR A 327 7.59 -26.80 -14.65
N PRO A 328 8.05 -27.98 -15.07
CA PRO A 328 8.28 -28.22 -16.49
C PRO A 328 7.04 -28.73 -17.21
N HIS A 329 6.88 -28.31 -18.46
CA HIS A 329 5.74 -28.70 -19.26
C HIS A 329 6.13 -28.80 -20.71
N PHE A 330 5.77 -29.91 -21.35
CA PHE A 330 6.02 -30.12 -22.77
C PHE A 330 4.82 -29.61 -23.54
N THR A 331 4.97 -28.45 -24.19
CA THR A 331 3.87 -27.79 -24.86
C THR A 331 4.11 -27.71 -26.36
N CYS A 332 3.03 -27.49 -27.10
CA CYS A 332 3.08 -27.35 -28.54
C CYS A 332 2.44 -26.02 -28.93
N SER A 333 2.44 -25.75 -30.23
CA SER A 333 1.92 -24.48 -30.73
C SER A 333 0.42 -24.37 -30.52
N VAL A 334 -0.31 -25.45 -30.76
CA VAL A 334 -1.77 -25.38 -30.82
C VAL A 334 -2.41 -26.07 -29.61
N ASP A 335 -1.63 -26.28 -28.56
CA ASP A 335 -2.19 -26.90 -27.35
C ASP A 335 -3.20 -25.95 -26.70
N THR A 336 -4.33 -26.52 -26.29
CA THR A 336 -5.37 -25.77 -25.60
C THR A 336 -5.34 -25.96 -24.10
N GLU A 337 -4.39 -26.73 -23.58
CA GLU A 337 -4.30 -27.00 -22.15
C GLU A 337 -3.34 -26.08 -21.42
N ASN A 338 -2.68 -25.15 -22.12
CA ASN A 338 -1.66 -24.32 -21.48
C ASN A 338 -2.23 -23.52 -20.33
N ALA A 339 -3.43 -22.96 -20.52
CA ALA A 339 -4.09 -22.24 -19.43
C ALA A 339 -4.34 -23.16 -18.25
N ARG A 340 -4.69 -24.42 -18.51
CA ARG A 340 -4.93 -25.36 -17.43
C ARG A 340 -3.65 -25.64 -16.65
N ARG A 341 -2.52 -25.82 -17.34
CA ARG A 341 -1.27 -26.06 -16.61
C ARG A 341 -0.84 -24.83 -15.84
N ILE A 342 -1.06 -23.64 -16.39
CA ILE A 342 -0.77 -22.43 -15.62
C ILE A 342 -1.64 -22.37 -14.38
N PHE A 343 -2.92 -22.70 -14.50
CA PHE A 343 -3.82 -22.67 -13.35
C PHE A 343 -3.37 -23.66 -12.28
N ASN A 344 -3.02 -24.88 -12.70
CA ASN A 344 -2.59 -25.89 -11.74
C ASN A 344 -1.29 -25.48 -11.05
N ASP A 345 -0.32 -25.00 -11.81
CA ASP A 345 0.96 -24.60 -11.23
C ASP A 345 0.79 -23.42 -10.29
N CYS A 346 -0.06 -22.45 -10.66
CA CYS A 346 -0.31 -21.31 -9.78
C CYS A 346 -1.02 -21.74 -8.51
N ARG A 347 -1.94 -22.71 -8.62
CA ARG A 347 -2.58 -23.24 -7.44
C ARG A 347 -1.56 -23.87 -6.50
N ASP A 348 -0.62 -24.63 -7.07
CA ASP A 348 0.44 -25.21 -6.24
C ASP A 348 1.33 -24.15 -5.62
N ILE A 349 1.66 -23.11 -6.38
CA ILE A 349 2.51 -22.04 -5.86
C ILE A 349 1.82 -21.33 -4.70
N ILE A 350 0.53 -21.02 -4.85
CA ILE A 350 -0.21 -20.36 -3.79
C ILE A 350 -0.36 -21.28 -2.59
N GLN A 351 -0.52 -22.59 -2.84
CA GLN A 351 -0.55 -23.55 -1.74
C GLN A 351 0.75 -23.52 -0.94
N ARG A 352 1.88 -23.51 -1.63
CA ARG A 352 3.16 -23.47 -0.93
C ARG A 352 3.30 -22.16 -0.16
N MET A 353 2.90 -21.05 -0.77
CA MET A 353 2.97 -19.76 -0.10
C MET A 353 2.10 -19.74 1.16
N HIS A 354 0.93 -20.38 1.10
CA HIS A 354 0.04 -20.41 2.25
C HIS A 354 0.54 -21.36 3.32
N LEU A 355 1.17 -22.48 2.91
CA LEU A 355 1.79 -23.35 3.88
C LEU A 355 2.88 -22.62 4.64
N ARG A 356 3.68 -21.82 3.94
CA ARG A 356 4.69 -21.02 4.62
C ARG A 356 4.06 -19.95 5.50
N GLN A 357 3.03 -19.27 5.01
CA GLN A 357 2.49 -18.12 5.72
C GLN A 357 1.67 -18.53 6.93
N TYR A 358 0.85 -19.59 6.78
CA TYR A 358 -0.03 -20.02 7.85
C TYR A 358 0.64 -20.99 8.81
N GLU A 359 1.97 -21.01 8.83
CA GLU A 359 2.76 -21.71 9.84
C GLU A 359 2.45 -23.20 9.87
N LEU A 360 2.61 -23.85 8.71
CA LEU A 360 2.54 -25.30 8.62
C LEU A 360 3.88 -25.94 8.33
N LEU A 361 4.86 -25.16 7.89
CA LEU A 361 6.22 -25.67 7.71
C LEU A 361 7.22 -24.61 8.16
N GLU B 14 40.99 6.45 -39.75
CA GLU B 14 40.17 5.25 -39.74
C GLU B 14 39.56 5.01 -38.37
N LEU B 15 39.02 3.81 -38.17
CA LEU B 15 38.43 3.46 -36.88
C LEU B 15 39.49 3.44 -35.79
N ASP B 16 40.68 2.91 -36.10
CA ASP B 16 41.76 2.89 -35.12
C ASP B 16 42.18 4.31 -34.75
N GLN B 17 42.25 5.20 -35.74
CA GLN B 17 42.62 6.59 -35.46
C GLN B 17 41.58 7.25 -34.56
N LEU B 18 40.30 7.02 -34.83
CA LEU B 18 39.25 7.59 -33.99
C LEU B 18 39.32 7.04 -32.57
N ARG B 19 39.57 5.73 -32.44
CA ARG B 19 39.69 5.15 -31.11
C ARG B 19 40.88 5.73 -30.35
N GLN B 20 42.01 5.90 -31.04
CA GLN B 20 43.17 6.50 -30.39
C GLN B 20 42.90 7.94 -29.97
N GLU B 21 42.22 8.71 -30.82
CA GLU B 21 41.88 10.08 -30.47
C GLU B 21 40.95 10.13 -29.27
N ALA B 22 39.97 9.23 -29.23
CA ALA B 22 39.07 9.18 -28.08
C ALA B 22 39.81 8.81 -26.80
N GLU B 23 40.73 7.84 -26.89
CA GLU B 23 41.52 7.46 -25.72
C GLU B 23 42.38 8.63 -25.24
N GLN B 24 43.00 9.35 -26.18
CA GLN B 24 43.82 10.50 -25.81
C GLN B 24 42.97 11.58 -25.14
N LEU B 25 41.77 11.84 -25.68
CA LEU B 25 40.90 12.84 -25.09
C LEU B 25 40.45 12.42 -23.68
N LYS B 26 40.15 11.13 -23.50
CA LYS B 26 39.77 10.64 -22.18
C LYS B 26 40.92 10.79 -21.19
N ASN B 27 42.15 10.48 -21.64
CA ASN B 27 43.31 10.66 -20.77
C ASN B 27 43.51 12.13 -20.42
N GLN B 28 43.31 13.02 -21.40
CA GLN B 28 43.44 14.44 -21.13
C GLN B 28 42.41 14.91 -20.11
N ILE B 29 41.17 14.43 -20.24
CA ILE B 29 40.13 14.81 -19.28
C ILE B 29 40.48 14.29 -17.89
N ARG B 30 40.96 13.05 -17.80
CA ARG B 30 41.34 12.50 -16.51
C ARG B 30 42.48 13.30 -15.88
N ASP B 31 43.48 13.67 -16.68
CA ASP B 31 44.59 14.46 -16.16
C ASP B 31 44.13 15.84 -15.71
N ALA B 32 43.25 16.48 -16.48
CA ALA B 32 42.74 17.78 -16.10
C ALA B 32 41.96 17.70 -14.78
N ARG B 33 41.15 16.66 -14.63
CA ARG B 33 40.41 16.48 -13.38
C ARG B 33 41.35 16.23 -12.21
N LYS B 34 42.40 15.42 -12.44
CA LYS B 34 43.33 15.11 -11.36
C LYS B 34 44.17 16.32 -10.96
N ALA B 35 44.43 17.23 -11.91
CA ALA B 35 45.24 18.41 -11.64
C ALA B 35 44.47 19.49 -10.89
N CYS B 36 43.28 19.17 -10.38
CA CYS B 36 42.50 20.13 -9.62
C CYS B 36 42.13 19.64 -8.23
N ALA B 37 42.70 18.51 -7.78
CA ALA B 37 42.39 17.96 -6.45
C ALA B 37 43.25 18.67 -5.40
N ASP B 38 43.01 19.98 -5.28
CA ASP B 38 43.82 20.80 -4.37
C ASP B 38 43.63 20.38 -2.92
N ALA B 39 42.39 20.11 -2.52
CA ALA B 39 42.13 19.71 -1.14
C ALA B 39 40.83 18.91 -1.12
N THR B 40 40.90 17.69 -0.61
CA THR B 40 39.71 16.84 -0.56
C THR B 40 38.66 17.45 0.36
N LEU B 41 37.39 17.23 0.01
CA LEU B 41 36.29 17.80 0.78
C LEU B 41 36.26 17.27 2.21
N SER B 42 36.58 16.00 2.39
CA SER B 42 36.62 15.43 3.74
C SER B 42 37.69 16.10 4.59
N GLN B 43 38.86 16.36 4.01
CA GLN B 43 39.92 17.04 4.76
C GLN B 43 39.50 18.44 5.17
N ILE B 44 38.82 19.16 4.27
CA ILE B 44 38.40 20.52 4.57
C ILE B 44 37.31 20.53 5.64
N THR B 45 36.38 19.58 5.58
CA THR B 45 35.28 19.52 6.54
C THR B 45 35.62 18.71 7.79
N ASN B 46 36.84 18.21 7.91
CA ASN B 46 37.24 17.56 9.16
C ASN B 46 37.20 18.51 10.33
N ASN B 47 37.18 19.82 10.09
CA ASN B 47 37.15 20.80 11.17
C ASN B 47 35.73 21.17 11.60
N ILE B 48 34.76 21.08 10.69
CA ILE B 48 33.39 21.45 11.05
C ILE B 48 32.80 20.42 11.99
N ASP B 49 31.84 20.85 12.80
CA ASP B 49 31.27 19.97 13.80
C ASP B 49 30.34 18.95 13.16
N PRO B 50 30.31 17.73 13.70
CA PRO B 50 29.32 16.75 13.24
C PRO B 50 27.91 17.17 13.64
N VAL B 51 26.94 16.70 12.86
CA VAL B 51 25.55 17.07 13.14
C VAL B 51 24.99 16.27 14.31
N GLY B 52 25.61 15.17 14.67
CA GLY B 52 25.12 14.31 15.73
C GLY B 52 24.04 13.36 15.26
N ARG B 53 23.52 12.60 16.22
CA ARG B 53 22.51 11.59 15.92
C ARG B 53 21.17 12.28 15.65
N ILE B 54 20.69 12.16 14.42
CA ILE B 54 19.41 12.73 14.02
C ILE B 54 18.35 11.67 14.29
N GLN B 55 17.67 11.80 15.42
CA GLN B 55 16.66 10.82 15.83
C GLN B 55 15.30 11.21 15.23
N MET B 56 15.22 11.06 13.91
CA MET B 56 13.98 11.33 13.21
C MET B 56 12.94 10.29 13.61
N ARG B 57 11.69 10.73 13.70
CA ARG B 57 10.60 9.87 14.15
C ARG B 57 9.44 9.97 13.19
N THR B 58 8.79 8.84 12.94
CA THR B 58 7.59 8.83 12.12
C THR B 58 6.46 9.56 12.83
N ARG B 59 5.72 10.35 12.06
CA ARG B 59 4.58 11.06 12.60
C ARG B 59 3.26 10.70 11.94
N ARG B 60 3.26 10.39 10.66
CA ARG B 60 2.07 9.93 9.97
C ARG B 60 2.42 8.73 9.11
N THR B 61 1.58 7.70 9.16
CA THR B 61 1.71 6.54 8.29
C THR B 61 0.56 6.57 7.29
N LEU B 62 0.92 6.75 6.02
CA LEU B 62 -0.05 6.75 4.94
C LEU B 62 -0.19 5.34 4.40
N ARG B 63 -1.38 4.77 4.57
CA ARG B 63 -1.68 3.42 4.16
C ARG B 63 -2.95 3.42 3.34
N GLY B 64 -3.03 2.47 2.41
CA GLY B 64 -4.15 2.40 1.49
C GLY B 64 -3.70 1.93 0.13
N HIS B 65 -2.39 1.85 -0.07
CA HIS B 65 -1.84 1.29 -1.29
C HIS B 65 -1.92 -0.23 -1.23
N LEU B 66 -2.43 -0.82 -2.30
CA LEU B 66 -2.61 -2.27 -2.34
C LEU B 66 -1.28 -3.00 -2.44
N ALA B 67 -0.35 -2.46 -3.24
CA ALA B 67 0.91 -3.15 -3.51
C ALA B 67 2.10 -2.25 -3.23
N LYS B 68 3.28 -2.68 -3.68
CA LYS B 68 4.50 -1.93 -3.42
C LYS B 68 4.48 -0.59 -4.13
N ILE B 69 5.16 0.39 -3.56
CA ILE B 69 5.23 1.74 -4.09
C ILE B 69 6.61 1.96 -4.68
N TYR B 70 6.67 2.50 -5.90
CA TYR B 70 7.96 2.90 -6.44
C TYR B 70 8.24 4.39 -6.38
N ALA B 71 7.24 5.25 -6.54
CA ALA B 71 7.55 6.66 -6.67
C ALA B 71 6.67 7.48 -5.75
N MET B 72 7.26 8.56 -5.25
CA MET B 72 6.55 9.57 -4.48
C MET B 72 7.10 10.92 -4.91
N HIS B 73 6.27 11.95 -4.83
CA HIS B 73 6.73 13.31 -5.07
C HIS B 73 5.98 14.27 -4.16
N TRP B 74 6.74 15.16 -3.53
CA TRP B 74 6.16 16.21 -2.71
C TRP B 74 5.68 17.35 -3.58
N GLY B 75 4.57 17.94 -3.18
CA GLY B 75 4.12 19.16 -3.81
C GLY B 75 4.95 20.35 -3.41
N THR B 76 4.82 21.43 -4.18
CA THR B 76 5.50 22.66 -3.84
C THR B 76 4.97 23.23 -2.53
N ASP B 77 3.69 23.01 -2.24
CA ASP B 77 3.09 23.44 -0.98
C ASP B 77 3.60 22.65 0.21
N SER B 78 4.34 21.56 -0.01
CA SER B 78 4.89 20.72 1.05
C SER B 78 3.79 20.11 1.91
N ARG B 79 2.62 19.89 1.34
CA ARG B 79 1.52 19.24 2.04
C ARG B 79 0.84 18.15 1.26
N LEU B 80 0.87 18.19 -0.07
CA LEU B 80 0.21 17.21 -0.91
C LEU B 80 1.23 16.25 -1.50
N LEU B 81 0.97 14.96 -1.36
CA LEU B 81 1.83 13.92 -1.90
C LEU B 81 1.15 13.22 -3.06
N VAL B 82 1.96 12.70 -3.97
CA VAL B 82 1.50 11.76 -4.97
C VAL B 82 2.38 10.52 -4.88
N SER B 83 1.75 9.36 -4.77
CA SER B 83 2.45 8.10 -4.63
C SER B 83 1.96 7.12 -5.67
N ALA B 84 2.91 6.48 -6.36
CA ALA B 84 2.62 5.53 -7.42
C ALA B 84 2.92 4.11 -6.94
N SER B 85 1.89 3.26 -6.97
CA SER B 85 2.05 1.88 -6.55
C SER B 85 1.67 0.94 -7.69
N GLN B 86 2.24 -0.26 -7.65
CA GLN B 86 1.91 -1.25 -8.66
C GLN B 86 0.60 -1.96 -8.36
N ASP B 87 -0.42 -1.18 -8.07
CA ASP B 87 -1.81 -1.62 -8.12
C ASP B 87 -2.55 -0.84 -9.19
N GLY B 88 -1.81 -0.19 -10.09
CA GLY B 88 -2.39 0.72 -11.05
C GLY B 88 -2.99 1.96 -10.43
N LYS B 89 -2.33 2.51 -9.41
CA LYS B 89 -2.92 3.64 -8.71
C LYS B 89 -1.87 4.66 -8.29
N LEU B 90 -2.17 5.92 -8.58
CA LEU B 90 -1.58 7.07 -7.91
C LEU B 90 -2.54 7.50 -6.81
N ILE B 91 -1.98 7.90 -5.68
CA ILE B 91 -2.79 8.43 -4.59
C ILE B 91 -2.20 9.77 -4.19
N ILE B 92 -3.04 10.80 -4.16
CA ILE B 92 -2.67 12.12 -3.70
C ILE B 92 -3.14 12.24 -2.26
N TRP B 93 -2.17 12.28 -1.37
CA TRP B 93 -2.33 12.28 0.07
C TRP B 93 -2.29 13.70 0.61
N ASP B 94 -3.10 13.95 1.64
CA ASP B 94 -2.91 15.12 2.48
C ASP B 94 -1.97 14.72 3.60
N SER B 95 -0.72 15.20 3.53
CA SER B 95 0.29 14.79 4.50
C SER B 95 -0.09 15.20 5.91
N TYR B 96 -0.70 16.38 6.06
CA TYR B 96 -0.99 16.90 7.39
C TYR B 96 -2.10 16.11 8.07
N THR B 97 -3.11 15.69 7.32
CA THR B 97 -4.28 15.05 7.89
C THR B 97 -4.44 13.59 7.50
N THR B 98 -3.53 13.05 6.67
CA THR B 98 -3.52 11.65 6.25
C THR B 98 -4.73 11.39 5.34
N ASN B 99 -5.57 12.41 5.13
CA ASN B 99 -6.71 12.25 4.23
C ASN B 99 -6.23 11.99 2.81
N LYS B 100 -6.98 11.16 2.10
CA LYS B 100 -6.68 10.87 0.71
C LYS B 100 -7.42 11.86 -0.17
N VAL B 101 -6.68 12.82 -0.73
CA VAL B 101 -7.30 13.84 -1.56
C VAL B 101 -7.76 13.26 -2.88
N HIS B 102 -6.92 12.44 -3.52
CA HIS B 102 -7.24 11.93 -4.83
C HIS B 102 -6.79 10.47 -4.95
N ALA B 103 -7.52 9.72 -5.77
CA ALA B 103 -7.15 8.35 -6.10
C ALA B 103 -7.31 8.17 -7.60
N ILE B 104 -6.20 8.09 -8.32
CA ILE B 104 -6.17 8.05 -9.77
C ILE B 104 -5.86 6.62 -10.20
N PRO B 105 -6.80 5.89 -10.79
CA PRO B 105 -6.46 4.61 -11.40
C PRO B 105 -5.60 4.82 -12.64
N LEU B 106 -4.72 3.85 -12.89
CA LEU B 106 -3.80 3.91 -14.01
C LEU B 106 -4.09 2.76 -14.96
N ARG B 107 -4.00 3.03 -16.26
CA ARG B 107 -4.28 1.99 -17.24
C ARG B 107 -3.11 1.03 -17.40
N SER B 108 -1.94 1.38 -16.86
CA SER B 108 -0.81 0.48 -16.80
C SER B 108 -0.40 0.32 -15.34
N SER B 109 -0.44 -0.92 -14.85
CA SER B 109 -0.17 -1.17 -13.45
C SER B 109 1.32 -1.12 -13.11
N TRP B 110 2.19 -1.21 -14.11
CA TRP B 110 3.63 -1.24 -13.86
C TRP B 110 4.15 0.18 -13.97
N VAL B 111 4.11 0.88 -12.84
CA VAL B 111 4.51 2.28 -12.75
C VAL B 111 5.80 2.35 -11.94
N MET B 112 6.78 3.09 -12.46
CA MET B 112 8.07 3.23 -11.81
C MET B 112 8.38 4.67 -11.42
N THR B 113 7.60 5.64 -11.90
CA THR B 113 7.87 7.04 -11.61
C THR B 113 6.57 7.80 -11.46
N CYS B 114 6.63 8.88 -10.69
CA CYS B 114 5.54 9.84 -10.64
C CYS B 114 6.14 11.22 -10.40
N ALA B 115 5.44 12.23 -10.88
CA ALA B 115 5.87 13.61 -10.70
C ALA B 115 4.66 14.46 -10.39
N TYR B 116 4.82 15.40 -9.48
CA TYR B 116 3.76 16.32 -9.12
C TYR B 116 4.14 17.69 -9.68
N ALA B 117 3.25 18.26 -10.48
CA ALA B 117 3.65 19.49 -11.16
C ALA B 117 3.87 20.63 -10.17
N PRO B 118 4.83 21.50 -10.44
CA PRO B 118 5.09 22.62 -9.53
C PRO B 118 3.87 23.48 -9.28
N SER B 119 3.05 23.70 -10.31
CA SER B 119 1.82 24.45 -10.13
C SER B 119 0.76 23.66 -9.37
N GLY B 120 0.94 22.35 -9.23
CA GLY B 120 -0.04 21.52 -8.57
C GLY B 120 -1.23 21.16 -9.42
N ASN B 121 -1.24 21.53 -10.69
CA ASN B 121 -2.36 21.27 -11.57
C ASN B 121 -2.29 19.91 -12.24
N TYR B 122 -1.11 19.32 -12.32
CA TYR B 122 -0.91 18.09 -13.07
C TYR B 122 -0.12 17.12 -12.22
N VAL B 123 -0.30 15.84 -12.53
CA VAL B 123 0.54 14.78 -12.00
C VAL B 123 1.02 13.95 -13.17
N ALA B 124 2.14 13.26 -12.98
CA ALA B 124 2.74 12.46 -14.04
C ALA B 124 2.93 11.04 -13.54
N CYS B 125 2.87 10.10 -14.47
CA CYS B 125 3.11 8.70 -14.17
C CYS B 125 3.73 8.04 -15.39
N GLY B 126 4.37 6.90 -15.18
CA GLY B 126 4.96 6.17 -16.28
C GLY B 126 5.65 4.93 -15.76
N GLY B 127 5.92 4.01 -16.68
CA GLY B 127 6.53 2.76 -16.30
C GLY B 127 6.86 1.87 -17.47
N LEU B 128 6.55 0.58 -17.35
CA LEU B 128 6.89 -0.38 -18.39
C LEU B 128 6.04 -0.21 -19.64
N ASP B 129 5.01 0.63 -19.61
CA ASP B 129 4.20 0.91 -20.78
C ASP B 129 4.83 1.97 -21.68
N ASN B 130 5.98 2.51 -21.31
CA ASN B 130 6.80 3.38 -22.16
C ASN B 130 6.10 4.70 -22.48
N ILE B 131 5.14 5.10 -21.67
CA ILE B 131 4.35 6.30 -21.93
C ILE B 131 4.34 7.16 -20.68
N CYS B 132 4.61 8.46 -20.85
CA CYS B 132 4.48 9.41 -19.76
C CYS B 132 3.07 9.96 -19.78
N SER B 133 2.26 9.56 -18.80
CA SER B 133 0.87 9.97 -18.72
C SER B 133 0.75 11.17 -17.79
N ILE B 134 0.24 12.27 -18.31
CA ILE B 134 0.00 13.48 -17.53
C ILE B 134 -1.49 13.55 -17.26
N TYR B 135 -1.83 13.62 -15.97
CA TYR B 135 -3.22 13.69 -15.49
C TYR B 135 -3.50 15.09 -14.97
N ASN B 136 -4.66 15.62 -15.35
CA ASN B 136 -5.08 16.95 -14.94
C ASN B 136 -5.87 16.83 -13.65
N LEU B 137 -5.44 17.53 -12.61
CA LEU B 137 -6.08 17.47 -11.31
C LEU B 137 -7.21 18.48 -11.17
N LYS B 138 -6.98 19.72 -11.57
CA LYS B 138 -7.95 20.79 -11.42
C LYS B 138 -8.74 20.94 -12.72
N THR B 139 -9.89 20.28 -12.78
CA THR B 139 -10.78 20.34 -13.93
C THR B 139 -12.15 20.83 -13.47
N ARG B 140 -12.95 21.30 -14.42
CA ARG B 140 -14.31 21.72 -14.10
C ARG B 140 -15.12 20.54 -13.56
N GLU B 141 -15.00 19.39 -14.19
CA GLU B 141 -15.50 18.15 -13.61
C GLU B 141 -14.63 17.77 -12.42
N GLY B 142 -15.23 17.06 -11.47
CA GLY B 142 -14.51 16.74 -10.25
C GLY B 142 -13.50 15.62 -10.36
N ASN B 143 -13.51 14.88 -11.46
CA ASN B 143 -12.63 13.73 -11.60
C ASN B 143 -11.28 14.14 -12.17
N VAL B 144 -10.25 13.36 -11.84
CA VAL B 144 -8.93 13.54 -12.42
C VAL B 144 -8.90 12.84 -13.77
N ARG B 145 -8.54 13.58 -14.80
CA ARG B 145 -8.60 13.10 -16.18
C ARG B 145 -7.20 13.06 -16.78
N VAL B 146 -6.97 12.08 -17.65
CA VAL B 146 -5.69 11.94 -18.34
C VAL B 146 -5.53 13.11 -19.29
N SER B 147 -4.69 14.07 -18.92
CA SER B 147 -4.47 15.23 -19.79
C SER B 147 -3.90 14.79 -21.13
N ARG B 148 -2.89 13.92 -21.09
CA ARG B 148 -2.45 13.26 -22.32
C ARG B 148 -1.45 12.16 -22.02
N GLU B 149 -1.04 11.48 -23.09
CA GLU B 149 -0.10 10.38 -23.04
C GLU B 149 1.04 10.69 -24.01
N LEU B 150 2.27 10.64 -23.51
CA LEU B 150 3.45 10.92 -24.31
C LEU B 150 4.12 9.60 -24.66
N ALA B 151 4.25 9.34 -25.95
CA ALA B 151 4.85 8.11 -26.46
C ALA B 151 5.99 8.46 -27.39
N GLY B 152 6.97 7.56 -27.48
CA GLY B 152 8.15 7.80 -28.27
C GLY B 152 9.38 7.17 -27.67
N HIS B 153 9.33 6.83 -26.40
CA HIS B 153 10.42 6.09 -25.78
C HIS B 153 10.30 4.62 -26.17
N THR B 154 11.45 4.00 -26.45
CA THR B 154 11.51 2.58 -26.76
C THR B 154 12.02 1.76 -25.59
N GLY B 155 11.78 2.22 -24.37
CA GLY B 155 12.16 1.50 -23.17
C GLY B 155 11.33 1.97 -22.00
N TYR B 156 11.48 1.28 -20.87
CA TYR B 156 10.67 1.58 -19.70
C TYR B 156 11.01 2.96 -19.17
N LEU B 157 9.98 3.67 -18.72
CA LEU B 157 10.14 5.03 -18.23
C LEU B 157 10.44 5.01 -16.74
N SER B 158 11.63 5.47 -16.37
CA SER B 158 12.12 5.36 -15.01
C SER B 158 11.95 6.61 -14.17
N CYS B 159 12.04 7.80 -14.77
CA CYS B 159 11.84 9.03 -14.03
C CYS B 159 11.26 10.09 -14.95
N CYS B 160 10.35 10.89 -14.40
CA CYS B 160 9.75 12.01 -15.12
C CYS B 160 9.71 13.21 -14.19
N ARG B 161 10.01 14.39 -14.72
CA ARG B 161 9.98 15.62 -13.95
C ARG B 161 9.41 16.75 -14.79
N PHE B 162 8.74 17.68 -14.11
CA PHE B 162 8.05 18.79 -14.74
C PHE B 162 8.93 20.03 -14.67
N LEU B 163 9.25 20.62 -15.83
CA LEU B 163 9.79 21.97 -15.82
C LEU B 163 8.71 22.98 -15.51
N ASP B 164 7.55 22.83 -16.14
CA ASP B 164 6.38 23.68 -15.91
C ASP B 164 5.16 22.88 -16.33
N ASP B 165 4.03 23.57 -16.47
CA ASP B 165 2.81 22.88 -16.86
C ASP B 165 2.83 22.40 -18.30
N ASN B 166 3.80 22.81 -19.10
CA ASN B 166 3.79 22.50 -20.53
C ASN B 166 5.01 21.72 -20.99
N GLN B 167 6.07 21.63 -20.18
CA GLN B 167 7.26 20.87 -20.53
C GLN B 167 7.54 19.82 -19.47
N ILE B 168 7.95 18.64 -19.91
CA ILE B 168 8.28 17.55 -18.99
C ILE B 168 9.50 16.79 -19.51
N VAL B 169 10.44 16.49 -18.63
CA VAL B 169 11.64 15.75 -18.97
C VAL B 169 11.50 14.34 -18.41
N THR B 170 11.82 13.35 -19.24
CA THR B 170 11.63 11.95 -18.91
C THR B 170 12.90 11.18 -19.23
N SER B 171 13.12 10.07 -18.51
CA SER B 171 14.26 9.20 -18.72
C SER B 171 13.76 7.78 -18.92
N SER B 172 14.35 7.07 -19.87
CA SER B 172 13.86 5.74 -20.19
C SER B 172 14.99 4.73 -20.21
N GLY B 173 14.61 3.47 -20.33
CA GLY B 173 15.54 2.37 -20.46
C GLY B 173 16.12 2.19 -21.84
N ASP B 174 15.76 3.05 -22.78
CA ASP B 174 16.35 3.04 -24.12
C ASP B 174 17.61 3.89 -24.18
N THR B 175 18.30 4.06 -23.05
CA THR B 175 19.53 4.85 -22.97
C THR B 175 19.30 6.28 -23.44
N THR B 176 18.15 6.84 -23.10
CA THR B 176 17.75 8.12 -23.66
C THR B 176 16.86 8.88 -22.67
N CYS B 177 17.10 10.19 -22.59
CA CYS B 177 16.17 11.11 -21.96
C CYS B 177 15.50 11.96 -23.04
N ALA B 178 14.40 12.59 -22.68
CA ALA B 178 13.64 13.36 -23.66
C ALA B 178 12.90 14.49 -22.98
N LEU B 179 12.95 15.67 -23.58
CA LEU B 179 12.17 16.82 -23.14
C LEU B 179 10.98 16.97 -24.08
N TRP B 180 9.79 16.95 -23.49
CA TRP B 180 8.52 16.87 -24.19
C TRP B 180 7.74 18.17 -23.99
N ASP B 181 7.08 18.60 -25.06
CA ASP B 181 6.02 19.59 -25.00
C ASP B 181 4.70 18.88 -24.70
N ILE B 182 3.84 19.55 -23.95
CA ILE B 182 2.59 18.97 -23.47
C ILE B 182 1.43 19.29 -24.40
N GLU B 183 1.31 20.55 -24.84
CA GLU B 183 0.21 20.90 -25.74
C GLU B 183 0.30 20.09 -27.03
N THR B 184 1.50 19.95 -27.56
CA THR B 184 1.78 19.06 -28.68
C THR B 184 2.64 17.93 -28.14
N GLY B 185 2.06 16.74 -28.06
CA GLY B 185 2.74 15.64 -27.40
C GLY B 185 3.88 15.06 -28.21
N GLN B 186 4.88 15.89 -28.50
CA GLN B 186 6.01 15.48 -29.32
C GLN B 186 7.30 15.84 -28.62
N GLN B 187 8.32 15.00 -28.81
CA GLN B 187 9.61 15.21 -28.19
C GLN B 187 10.24 16.50 -28.68
N THR B 188 10.23 17.53 -27.84
CA THR B 188 10.90 18.77 -28.22
C THR B 188 12.39 18.55 -28.44
N THR B 189 13.02 17.75 -27.58
CA THR B 189 14.41 17.40 -27.80
C THR B 189 14.71 16.06 -27.16
N THR B 190 15.79 15.43 -27.61
CA THR B 190 16.21 14.13 -27.12
C THR B 190 17.66 14.19 -26.65
N PHE B 191 17.98 13.40 -25.65
CA PHE B 191 19.28 13.40 -24.98
C PHE B 191 19.82 11.97 -25.02
N THR B 192 20.94 11.79 -25.71
CA THR B 192 21.52 10.47 -25.91
C THR B 192 22.89 10.35 -25.25
N HIS B 194 24.68 8.10 -22.95
CA HIS B 194 24.43 6.91 -22.14
C HIS B 194 24.37 5.64 -22.98
N THR B 195 24.99 4.58 -22.45
CA THR B 195 25.01 3.28 -23.10
C THR B 195 24.25 2.24 -22.27
N GLY B 196 23.43 2.68 -21.32
CA GLY B 196 22.69 1.77 -20.49
C GLY B 196 21.36 2.38 -20.10
N ASP B 197 20.58 1.59 -19.35
CA ASP B 197 19.28 2.06 -18.88
C ASP B 197 19.44 3.30 -18.02
N VAL B 198 18.69 4.35 -18.33
CA VAL B 198 18.70 5.55 -17.51
C VAL B 198 17.64 5.41 -16.42
N MET B 199 18.03 5.59 -15.17
CA MET B 199 17.17 5.25 -14.04
C MET B 199 16.60 6.45 -13.29
N SER B 200 17.31 7.57 -13.22
CA SER B 200 16.82 8.68 -12.41
C SER B 200 17.14 10.01 -13.08
N LEU B 201 16.28 10.99 -12.84
CA LEU B 201 16.48 12.36 -13.28
C LEU B 201 16.45 13.28 -12.07
N SER B 202 17.08 14.44 -12.21
CA SER B 202 16.99 15.50 -11.22
C SER B 202 17.11 16.82 -11.94
N LEU B 203 16.23 17.76 -11.62
CA LEU B 203 16.24 19.06 -12.26
C LEU B 203 16.92 20.08 -11.38
N ALA B 204 17.78 20.90 -11.98
CA ALA B 204 18.39 21.98 -11.24
C ALA B 204 17.31 22.99 -10.84
N PRO B 205 17.50 23.69 -9.72
CA PRO B 205 16.51 24.69 -9.31
C PRO B 205 16.28 25.77 -10.37
N ASP B 206 17.31 26.10 -11.15
CA ASP B 206 17.13 27.05 -12.24
C ASP B 206 16.40 26.46 -13.43
N THR B 207 16.20 25.14 -13.45
CA THR B 207 15.43 24.39 -14.45
C THR B 207 16.14 24.34 -15.80
N ARG B 208 17.26 25.05 -15.96
CA ARG B 208 17.96 25.10 -17.24
C ARG B 208 18.86 23.90 -17.48
N LEU B 209 19.12 23.08 -16.46
CA LEU B 209 19.95 21.90 -16.60
C LEU B 209 19.27 20.73 -15.92
N PHE B 210 19.71 19.51 -16.28
CA PHE B 210 19.27 18.36 -15.52
C PHE B 210 20.32 17.25 -15.61
N VAL B 211 20.49 16.52 -14.52
CA VAL B 211 21.46 15.44 -14.44
C VAL B 211 20.71 14.12 -14.41
N SER B 212 21.24 13.13 -15.13
CA SER B 212 20.61 11.82 -15.28
C SER B 212 21.64 10.74 -15.05
N GLY B 213 21.30 9.76 -14.23
CA GLY B 213 22.16 8.62 -13.96
C GLY B 213 21.64 7.40 -14.70
N ALA B 214 22.56 6.59 -15.21
CA ALA B 214 22.20 5.45 -16.04
C ALA B 214 22.83 4.17 -15.51
N CYS B 215 22.47 3.06 -16.14
CA CYS B 215 23.00 1.76 -15.79
C CYS B 215 24.34 1.53 -16.47
N ASP B 216 25.23 2.52 -16.37
CA ASP B 216 26.59 2.39 -16.85
C ASP B 216 27.57 3.03 -15.87
N ALA B 217 27.15 3.26 -14.63
CA ALA B 217 27.97 3.91 -13.62
C ALA B 217 28.42 5.30 -14.09
N SER B 218 27.53 5.99 -14.77
CA SER B 218 27.84 7.31 -15.34
C SER B 218 26.65 8.23 -15.16
N ALA B 219 26.92 9.45 -14.72
CA ALA B 219 25.89 10.47 -14.54
C ALA B 219 26.22 11.64 -15.45
N LYS B 220 25.26 12.07 -16.25
CA LYS B 220 25.48 13.10 -17.26
C LYS B 220 24.65 14.33 -16.95
N LEU B 221 25.28 15.49 -16.98
CA LEU B 221 24.61 16.78 -16.82
C LEU B 221 24.33 17.34 -18.21
N TRP B 222 23.06 17.62 -18.48
CA TRP B 222 22.55 18.01 -19.78
C TRP B 222 22.02 19.43 -19.73
N ASP B 223 22.26 20.17 -20.81
CA ASP B 223 21.66 21.48 -21.01
C ASP B 223 20.30 21.27 -21.67
N VAL B 224 19.24 21.73 -21.00
CA VAL B 224 17.89 21.46 -21.48
C VAL B 224 17.62 22.17 -22.80
N ARG B 225 18.00 23.45 -22.89
CA ARG B 225 17.69 24.23 -24.08
C ARG B 225 18.48 23.75 -25.29
N GLU B 226 19.80 23.59 -25.12
CA GLU B 226 20.65 23.24 -26.26
C GLU B 226 20.45 21.79 -26.67
N GLY B 227 20.41 20.88 -25.70
CA GLY B 227 20.14 19.48 -25.98
C GLY B 227 21.33 18.56 -26.06
N MET B 228 22.51 19.02 -25.69
CA MET B 228 23.71 18.18 -25.75
C MET B 228 24.26 17.94 -24.35
N CYS B 229 24.99 16.84 -24.20
CA CYS B 229 25.58 16.46 -22.93
C CYS B 229 26.65 17.45 -22.53
N ARG B 230 26.37 18.25 -21.50
CA ARG B 230 27.35 19.24 -21.08
C ARG B 230 28.53 18.57 -20.38
N GLN B 231 28.25 17.66 -19.45
CA GLN B 231 29.34 17.01 -18.72
C GLN B 231 28.97 15.58 -18.41
N THR B 232 29.99 14.76 -18.15
CA THR B 232 29.80 13.38 -17.75
C THR B 232 30.69 13.09 -16.53
N PHE B 233 30.20 12.22 -15.65
CA PHE B 233 30.88 11.88 -14.41
C PHE B 233 30.85 10.38 -14.23
N THR B 234 32.00 9.81 -13.90
CA THR B 234 32.15 8.39 -13.65
C THR B 234 32.65 8.18 -12.23
N GLY B 235 32.82 6.91 -11.87
CA GLY B 235 33.33 6.58 -10.55
C GLY B 235 32.63 5.41 -9.91
N HIS B 236 31.35 5.23 -10.20
CA HIS B 236 30.63 4.12 -9.63
C HIS B 236 31.09 2.81 -10.26
N GLU B 237 30.83 1.71 -9.55
CA GLU B 237 31.21 0.38 -10.02
C GLU B 237 30.04 -0.43 -10.51
N SER B 238 28.82 0.09 -10.43
CA SER B 238 27.63 -0.63 -10.84
C SER B 238 26.57 0.38 -11.27
N ASP B 239 25.33 -0.08 -11.35
CA ASP B 239 24.24 0.73 -11.88
C ASP B 239 23.91 1.89 -10.95
N ILE B 240 23.60 3.04 -11.54
CA ILE B 240 23.15 4.21 -10.81
C ILE B 240 21.63 4.20 -10.77
N ASN B 241 21.07 4.24 -9.56
CA ASN B 241 19.63 4.05 -9.37
C ASN B 241 18.90 5.32 -8.96
N ALA B 242 19.56 6.26 -8.27
CA ALA B 242 18.94 7.49 -7.83
C ALA B 242 19.91 8.65 -8.00
N ILE B 243 19.35 9.85 -8.13
CA ILE B 243 20.16 11.05 -8.35
C ILE B 243 19.35 12.26 -7.92
N CYS B 244 20.03 13.27 -7.38
CA CYS B 244 19.37 14.47 -6.87
C CYS B 244 20.38 15.61 -6.90
N PHE B 245 19.89 16.85 -6.90
CA PHE B 245 20.75 18.02 -6.82
C PHE B 245 20.88 18.48 -5.38
N PHE B 246 22.09 18.88 -5.02
CA PHE B 246 22.29 19.75 -3.87
C PHE B 246 21.52 21.04 -4.12
N PRO B 247 20.92 21.65 -3.09
CA PRO B 247 20.07 22.81 -3.32
C PRO B 247 20.78 23.97 -4.01
N ASN B 248 22.12 23.95 -3.97
CA ASN B 248 22.89 24.98 -4.65
C ASN B 248 22.62 24.96 -6.14
N GLY B 249 22.45 23.78 -6.71
CA GLY B 249 22.35 23.61 -8.14
C GLY B 249 23.68 23.38 -8.83
N ASN B 250 24.78 23.35 -8.09
CA ASN B 250 26.10 23.07 -8.64
C ASN B 250 26.70 21.81 -8.04
N ALA B 251 25.86 20.90 -7.57
CA ALA B 251 26.32 19.62 -7.07
C ALA B 251 25.18 18.62 -7.20
N PHE B 252 25.53 17.34 -7.19
CA PHE B 252 24.52 16.31 -7.28
C PHE B 252 25.04 15.01 -6.70
N ALA B 253 24.14 14.27 -6.06
CA ALA B 253 24.47 13.02 -5.38
C ALA B 253 23.79 11.85 -6.08
N THR B 254 24.51 10.75 -6.18
CA THR B 254 24.06 9.56 -6.90
C THR B 254 24.13 8.35 -6.00
N GLY B 255 23.05 7.58 -5.94
CA GLY B 255 23.04 6.30 -5.28
C GLY B 255 23.16 5.20 -6.32
N SER B 256 23.81 4.10 -5.94
CA SER B 256 24.12 3.05 -6.88
C SER B 256 23.96 1.69 -6.22
N ASP B 257 23.95 0.65 -7.06
CA ASP B 257 23.84 -0.73 -6.60
C ASP B 257 25.12 -1.23 -5.96
N ASP B 258 26.22 -0.50 -6.05
CA ASP B 258 27.45 -0.88 -5.37
C ASP B 258 27.46 -0.46 -3.90
N ALA B 259 26.29 -0.17 -3.34
CA ALA B 259 26.11 0.18 -1.93
C ALA B 259 26.84 1.45 -1.54
N THR B 260 27.06 2.37 -2.48
CA THR B 260 27.74 3.63 -2.19
C THR B 260 26.95 4.78 -2.74
N CYS B 261 27.02 5.92 -2.06
CA CYS B 261 26.56 7.19 -2.60
C CYS B 261 27.76 8.03 -2.96
N ARG B 262 27.61 8.86 -3.99
CA ARG B 262 28.71 9.71 -4.41
C ARG B 262 28.21 11.11 -4.74
N LEU B 263 28.88 12.11 -4.20
CA LEU B 263 28.55 13.52 -4.44
C LEU B 263 29.58 14.08 -5.40
N PHE B 264 29.09 14.59 -6.53
CA PHE B 264 29.86 15.22 -7.59
C PHE B 264 29.53 16.71 -7.65
N ASP B 265 30.45 17.48 -8.22
CA ASP B 265 30.25 18.90 -8.48
C ASP B 265 30.46 19.16 -9.95
N LEU B 266 29.51 19.87 -10.57
CA LEU B 266 29.62 20.19 -11.98
C LEU B 266 30.79 21.11 -12.25
N ARG B 267 30.99 22.12 -11.40
CA ARG B 267 32.07 23.09 -11.63
C ARG B 267 33.43 22.43 -11.54
N ALA B 268 33.65 21.62 -10.50
CA ALA B 268 34.91 20.89 -10.40
C ALA B 268 35.03 19.80 -11.46
N ASP B 269 33.90 19.35 -12.01
CA ASP B 269 33.87 18.33 -13.06
C ASP B 269 34.56 17.04 -12.62
N GLN B 270 34.44 16.74 -11.33
CA GLN B 270 35.04 15.52 -10.79
C GLN B 270 34.26 15.14 -9.54
N GLU B 271 34.45 13.88 -9.13
CA GLU B 271 33.78 13.39 -7.93
C GLU B 271 34.35 14.06 -6.70
N LEU B 272 33.47 14.58 -5.85
CA LEU B 272 33.90 15.19 -4.60
C LEU B 272 34.05 14.17 -3.48
N MET B 273 33.01 13.41 -3.17
CA MET B 273 33.05 12.67 -1.92
C MET B 273 32.16 11.43 -2.02
N THR B 274 32.47 10.43 -1.19
CA THR B 274 31.79 9.14 -1.23
C THR B 274 31.27 8.79 0.16
N TYR B 275 30.06 8.24 0.20
CA TYR B 275 29.40 7.86 1.44
C TYR B 275 29.15 6.36 1.39
N SER B 276 29.81 5.63 2.27
CA SER B 276 29.73 4.17 2.27
C SER B 276 30.12 3.65 3.64
N HIS B 277 29.62 2.45 3.95
CA HIS B 277 29.97 1.78 5.18
C HIS B 277 30.10 0.29 4.87
N ASP B 278 30.97 -0.40 5.62
CA ASP B 278 31.16 -1.82 5.41
C ASP B 278 30.00 -2.65 5.92
N ASN B 279 29.19 -2.12 6.82
CA ASN B 279 28.04 -2.84 7.35
C ASN B 279 26.83 -2.80 6.43
N ILE B 280 26.87 -1.99 5.38
CA ILE B 280 25.79 -1.93 4.39
C ILE B 280 26.35 -2.45 3.08
N ILE B 281 25.71 -3.48 2.53
CA ILE B 281 26.11 -4.08 1.27
C ILE B 281 25.00 -4.05 0.24
N CYS B 282 23.92 -3.32 0.52
CA CYS B 282 22.78 -3.23 -0.36
C CYS B 282 22.81 -1.92 -1.13
N GLY B 283 22.27 -1.95 -2.35
CA GLY B 283 22.27 -0.77 -3.19
C GLY B 283 21.32 0.29 -2.71
N ILE B 284 21.62 1.53 -3.08
CA ILE B 284 20.78 2.67 -2.78
C ILE B 284 19.72 2.81 -3.88
N THR B 285 18.47 2.95 -3.47
CA THR B 285 17.35 3.01 -4.41
C THR B 285 16.71 4.38 -4.53
N SER B 286 16.91 5.27 -3.56
CA SER B 286 16.34 6.60 -3.62
C SER B 286 17.21 7.53 -2.79
N VAL B 287 17.60 8.65 -3.37
CA VAL B 287 18.44 9.64 -2.70
C VAL B 287 17.69 10.96 -2.67
N SER B 288 17.89 11.73 -1.60
CA SER B 288 17.33 13.06 -1.48
C SER B 288 18.19 13.89 -0.54
N PHE B 289 18.10 15.21 -0.69
CA PHE B 289 18.84 16.15 0.14
C PHE B 289 17.88 16.88 1.06
N SER B 290 18.37 17.22 2.25
CA SER B 290 17.63 18.13 3.10
C SER B 290 17.70 19.54 2.53
N LYS B 291 16.95 20.45 3.15
CA LYS B 291 16.85 21.80 2.61
C LYS B 291 18.20 22.50 2.62
N SER B 292 18.97 22.32 3.70
CA SER B 292 20.29 22.92 3.79
C SER B 292 21.32 22.22 2.92
N GLY B 293 21.07 20.97 2.55
CA GLY B 293 22.09 20.16 1.93
C GLY B 293 23.06 19.51 2.90
N ARG B 294 22.89 19.74 4.21
CA ARG B 294 23.75 19.11 5.19
C ARG B 294 23.42 17.64 5.36
N LEU B 295 22.16 17.27 5.16
CA LEU B 295 21.70 15.90 5.34
C LEU B 295 21.38 15.29 3.99
N LEU B 296 21.95 14.12 3.73
CA LEU B 296 21.73 13.36 2.50
C LEU B 296 21.00 12.09 2.88
N LEU B 297 19.74 11.99 2.48
CA LEU B 297 18.92 10.84 2.82
C LEU B 297 18.92 9.85 1.67
N ALA B 298 19.20 8.59 1.98
CA ALA B 298 19.32 7.56 0.95
C ALA B 298 18.56 6.32 1.38
N GLY B 299 17.58 5.91 0.59
CA GLY B 299 16.89 4.67 0.86
C GLY B 299 17.67 3.49 0.34
N TYR B 300 17.58 2.37 1.06
CA TYR B 300 18.39 1.20 0.79
C TYR B 300 17.50 -0.03 0.68
N ASP B 301 18.11 -1.13 0.22
CA ASP B 301 17.43 -2.41 0.19
C ASP B 301 17.42 -3.11 1.54
N ASP B 302 18.18 -2.61 2.51
CA ASP B 302 18.22 -3.20 3.85
C ASP B 302 17.04 -2.78 4.70
N PHE B 303 15.99 -2.27 4.05
CA PHE B 303 14.72 -1.90 4.65
C PHE B 303 14.80 -0.59 5.42
N ASN B 304 15.85 0.19 5.18
CA ASN B 304 16.15 1.37 5.98
C ASN B 304 16.36 2.57 5.07
N CYS B 305 16.33 3.76 5.68
CA CYS B 305 16.72 4.99 5.00
C CYS B 305 17.81 5.65 5.82
N ASN B 306 19.03 5.67 5.30
CA ASN B 306 20.16 6.21 6.04
C ASN B 306 20.31 7.69 5.78
N VAL B 307 20.45 8.46 6.84
CA VAL B 307 20.65 9.90 6.78
C VAL B 307 22.12 10.16 7.03
N TRP B 308 22.83 10.59 6.00
CA TRP B 308 24.25 10.87 6.05
C TRP B 308 24.49 12.37 6.22
N ASP B 309 25.65 12.69 6.77
CA ASP B 309 26.14 14.06 6.77
C ASP B 309 26.87 14.29 5.46
N ALA B 310 26.32 15.16 4.61
CA ALA B 310 26.82 15.32 3.26
C ALA B 310 28.23 15.88 3.21
N LEU B 311 28.75 16.39 4.32
CA LEU B 311 30.08 16.98 4.36
C LEU B 311 31.09 16.13 5.13
N LYS B 312 30.63 15.15 5.90
CA LYS B 312 31.52 14.37 6.76
C LYS B 312 31.49 12.88 6.46
N ALA B 313 30.57 12.41 5.63
CA ALA B 313 30.44 10.98 5.29
C ALA B 313 30.23 10.14 6.54
N ASP B 314 29.59 10.74 7.54
CA ASP B 314 29.26 10.04 8.76
C ASP B 314 27.77 9.76 8.77
N ARG B 315 27.42 8.48 8.85
CA ARG B 315 26.03 8.12 8.99
C ARG B 315 25.48 8.71 10.28
N ALA B 316 24.60 9.70 10.13
CA ALA B 316 24.08 10.44 11.27
C ALA B 316 22.72 9.97 11.73
N GLY B 317 21.99 9.21 10.92
CA GLY B 317 20.69 8.74 11.36
C GLY B 317 20.22 7.57 10.53
N VAL B 318 19.24 6.85 11.07
CA VAL B 318 18.63 5.71 10.40
C VAL B 318 17.12 5.81 10.57
N LEU B 319 16.39 5.62 9.48
CA LEU B 319 14.94 5.52 9.49
C LEU B 319 14.60 4.06 9.29
N ALA B 320 14.04 3.44 10.33
CA ALA B 320 13.75 2.01 10.37
C ALA B 320 12.29 1.83 10.76
N GLY B 321 11.40 1.85 9.77
CA GLY B 321 10.00 1.63 10.05
C GLY B 321 9.34 0.79 8.98
N HIS B 322 10.11 0.37 7.99
CA HIS B 322 9.58 -0.35 6.85
C HIS B 322 9.97 -1.81 6.91
N ASP B 323 8.97 -2.68 6.72
CA ASP B 323 9.20 -4.11 6.67
C ASP B 323 9.66 -4.60 5.32
N ASN B 324 9.73 -3.72 4.32
CA ASN B 324 10.21 -4.08 3.00
C ASN B 324 11.12 -2.96 2.49
N ARG B 325 11.68 -3.16 1.31
CA ARG B 325 12.72 -2.27 0.80
C ARG B 325 12.19 -0.87 0.55
N VAL B 326 12.96 0.12 0.96
CA VAL B 326 12.59 1.52 0.77
C VAL B 326 12.85 1.88 -0.68
N SER B 327 11.79 2.24 -1.40
CA SER B 327 11.87 2.49 -2.83
C SER B 327 11.91 3.96 -3.18
N CYS B 328 11.10 4.79 -2.53
CA CYS B 328 11.01 6.19 -2.86
C CYS B 328 11.21 7.03 -1.60
N LEU B 329 11.77 8.22 -1.79
CA LEU B 329 12.12 9.09 -0.68
C LEU B 329 12.17 10.53 -1.16
N GLY B 330 11.60 11.45 -0.37
CA GLY B 330 11.56 12.83 -0.77
C GLY B 330 11.42 13.82 0.36
N VAL B 331 12.07 14.98 0.25
CA VAL B 331 12.07 16.00 1.27
C VAL B 331 11.25 17.18 0.78
N THR B 332 10.43 17.74 1.67
CA THR B 332 9.54 18.82 1.32
C THR B 332 10.31 20.05 0.84
N ASP B 333 9.58 20.98 0.24
CA ASP B 333 10.18 22.24 -0.19
C ASP B 333 10.63 23.06 1.02
N ASP B 334 9.85 23.06 2.09
CA ASP B 334 10.20 23.82 3.28
C ASP B 334 11.10 23.05 4.23
N GLY B 335 11.37 21.77 3.96
CA GLY B 335 12.26 20.98 4.79
C GLY B 335 11.67 20.50 6.08
N MET B 336 10.37 20.71 6.30
CA MET B 336 9.75 20.27 7.55
C MET B 336 9.82 18.76 7.71
N ALA B 337 9.40 18.02 6.69
CA ALA B 337 9.26 16.58 6.81
C ALA B 337 9.95 15.88 5.65
N VAL B 338 10.28 14.61 5.88
CA VAL B 338 10.79 13.73 4.85
C VAL B 338 9.86 12.53 4.75
N ALA B 339 9.38 12.25 3.55
CA ALA B 339 8.45 11.16 3.35
C ALA B 339 9.11 10.06 2.54
N THR B 340 9.07 8.85 3.08
CA THR B 340 9.66 7.69 2.42
C THR B 340 8.61 6.61 2.26
N GLY B 341 8.50 6.08 1.04
CA GLY B 341 7.56 5.02 0.73
C GLY B 341 8.30 3.75 0.36
N SER B 342 7.81 2.63 0.87
CA SER B 342 8.53 1.37 0.70
C SER B 342 7.65 0.34 0.02
N TRP B 343 8.22 -0.84 -0.18
CA TRP B 343 7.54 -1.94 -0.82
C TRP B 343 6.52 -2.61 0.09
N ASP B 344 6.43 -2.19 1.34
CA ASP B 344 5.43 -2.68 2.27
C ASP B 344 4.11 -1.95 2.15
N SER B 345 3.87 -1.30 1.02
CA SER B 345 2.62 -0.61 0.69
C SER B 345 2.35 0.60 1.58
N PHE B 346 3.38 1.17 2.20
CA PHE B 346 3.20 2.26 3.14
C PHE B 346 4.14 3.42 2.83
N LEU B 347 3.63 4.63 3.07
CA LEU B 347 4.45 5.82 3.15
C LEU B 347 4.56 6.24 4.61
N LYS B 348 5.71 6.78 4.98
CA LYS B 348 5.96 7.23 6.34
C LYS B 348 6.53 8.63 6.28
N ILE B 349 5.99 9.52 7.10
CA ILE B 349 6.39 10.92 7.14
C ILE B 349 7.14 11.15 8.44
N TRP B 350 8.37 11.67 8.34
CA TRP B 350 9.28 11.80 9.46
C TRP B 350 9.67 13.25 9.66
N ASN B 351 9.91 13.63 10.90
CA ASN B 351 10.48 14.93 11.22
C ASN B 351 11.75 14.78 12.04
N GLN C 7 31.35 6.89 -37.53
CA GLN C 7 31.28 5.82 -36.53
C GLN C 7 31.53 6.37 -35.13
N ALA C 8 32.81 6.49 -34.77
CA ALA C 8 33.21 7.05 -33.49
C ALA C 8 33.45 8.54 -33.55
N ARG C 9 33.22 9.17 -34.70
CA ARG C 9 33.44 10.61 -34.82
C ARG C 9 32.53 11.38 -33.88
N LYS C 10 31.29 10.91 -33.71
CA LYS C 10 30.38 11.56 -32.77
C LYS C 10 30.92 11.49 -31.35
N LEU C 11 31.45 10.33 -30.95
CA LEU C 11 32.02 10.20 -29.62
C LEU C 11 33.23 11.10 -29.45
N VAL C 12 34.08 11.19 -30.48
CA VAL C 12 35.25 12.07 -30.40
C VAL C 12 34.82 13.53 -30.26
N GLU C 13 33.82 13.94 -31.04
CA GLU C 13 33.33 15.31 -30.95
C GLU C 13 32.74 15.60 -29.58
N GLN C 14 31.97 14.65 -29.03
CA GLN C 14 31.39 14.84 -27.70
C GLN C 14 32.48 14.95 -26.64
N LEU C 15 33.52 14.12 -26.73
CA LEU C 15 34.61 14.20 -25.76
C LEU C 15 35.36 15.52 -25.89
N LYS C 16 35.55 16.00 -27.12
CA LYS C 16 36.21 17.29 -27.31
C LYS C 16 35.38 18.42 -26.74
N MET C 17 34.06 18.38 -26.95
CA MET C 17 33.19 19.43 -26.42
C MET C 17 33.13 19.40 -24.91
N GLU C 18 33.20 18.21 -24.31
CA GLU C 18 33.17 18.08 -22.86
C GLU C 18 34.53 18.21 -22.21
N ALA C 19 35.60 18.30 -22.99
CA ALA C 19 36.94 18.41 -22.43
C ALA C 19 37.30 19.87 -22.13
N ASN C 20 37.04 20.77 -23.07
CA ASN C 20 37.43 22.17 -22.94
C ASN C 20 36.38 22.91 -22.11
N ILE C 21 36.46 22.71 -20.80
CA ILE C 21 35.60 23.43 -19.87
C ILE C 21 36.47 24.04 -18.77
N ASP C 22 35.90 24.98 -18.01
CA ASP C 22 36.62 25.68 -16.96
C ASP C 22 36.27 25.02 -15.63
N ARG C 23 37.24 24.30 -15.07
CA ARG C 23 37.05 23.59 -13.81
C ARG C 23 37.76 24.31 -12.68
N ILE C 24 37.03 24.61 -11.61
CA ILE C 24 37.62 25.23 -10.44
C ILE C 24 38.19 24.15 -9.52
N LYS C 25 39.03 24.59 -8.58
CA LYS C 25 39.65 23.68 -7.64
C LYS C 25 38.60 23.05 -6.73
N VAL C 26 38.82 21.78 -6.36
CA VAL C 26 37.90 21.09 -5.48
C VAL C 26 37.83 21.75 -4.12
N SER C 27 38.89 22.46 -3.71
CA SER C 27 38.84 23.19 -2.45
C SER C 27 37.78 24.28 -2.51
N LYS C 28 37.69 25.00 -3.62
CA LYS C 28 36.67 26.03 -3.76
C LYS C 28 35.27 25.41 -3.81
N ALA C 29 35.15 24.23 -4.43
CA ALA C 29 33.87 23.53 -4.45
C ALA C 29 33.42 23.15 -3.04
N ALA C 30 34.35 22.60 -2.25
CA ALA C 30 34.05 22.26 -0.87
C ALA C 30 33.68 23.49 -0.06
N ALA C 31 34.41 24.60 -0.28
CA ALA C 31 34.11 25.84 0.41
C ALA C 31 32.72 26.33 0.06
N ASP C 32 32.33 26.23 -1.21
CA ASP C 32 31.00 26.67 -1.62
C ASP C 32 29.91 25.81 -0.98
N LEU C 33 30.10 24.49 -0.96
CA LEU C 33 29.11 23.62 -0.33
C LEU C 33 28.99 23.90 1.16
N MET C 34 30.13 24.08 1.84
CA MET C 34 30.10 24.42 3.25
C MET C 34 29.41 25.75 3.49
N ALA C 35 29.67 26.73 2.62
CA ALA C 35 29.04 28.03 2.75
C ALA C 35 27.54 27.92 2.61
N TYR C 36 27.07 27.13 1.64
CA TYR C 36 25.62 26.96 1.48
C TYR C 36 25.01 26.30 2.70
N CYS C 37 25.65 25.23 3.20
CA CYS C 37 25.10 24.52 4.35
C CYS C 37 25.05 25.41 5.58
N GLU C 38 26.13 26.17 5.84
CA GLU C 38 26.15 27.05 7.00
C GLU C 38 25.19 28.22 6.84
N ALA C 39 24.99 28.70 5.61
CA ALA C 39 24.11 29.83 5.40
C ALA C 39 22.65 29.44 5.59
N HIS C 40 22.28 28.22 5.19
CA HIS C 40 20.90 27.78 5.29
C HIS C 40 20.68 26.77 6.42
N ALA C 41 21.62 26.68 7.37
CA ALA C 41 21.47 25.73 8.47
C ALA C 41 20.26 26.04 9.33
N LYS C 42 20.01 27.33 9.61
CA LYS C 42 18.92 27.69 10.51
C LYS C 42 17.55 27.44 9.91
N GLU C 43 17.46 27.23 8.59
CA GLU C 43 16.19 26.99 7.91
C GLU C 43 15.97 25.53 7.57
N ASP C 44 16.73 24.62 8.19
CA ASP C 44 16.59 23.19 7.94
C ASP C 44 15.93 22.53 9.13
N PRO C 45 14.63 22.24 9.08
CA PRO C 45 13.95 21.64 10.24
C PRO C 45 14.50 20.27 10.63
N LEU C 46 14.93 19.46 9.67
CA LEU C 46 15.43 18.14 10.00
C LEU C 46 16.80 18.21 10.67
N LEU C 47 17.70 19.04 10.15
CA LEU C 47 19.00 19.24 10.79
C LEU C 47 18.87 19.96 12.12
N THR C 48 18.14 21.08 12.14
CA THR C 48 17.87 21.82 13.36
C THR C 48 16.41 21.62 13.73
N PRO C 49 16.10 20.82 14.76
CA PRO C 49 14.70 20.49 15.03
C PRO C 49 13.85 21.70 15.35
N VAL C 50 12.59 21.61 14.95
CA VAL C 50 11.58 22.66 15.16
C VAL C 50 11.21 22.72 16.63
N PRO C 51 10.56 23.80 17.10
CA PRO C 51 10.19 23.88 18.52
C PRO C 51 9.00 23.02 18.88
N ALA C 52 8.62 22.09 18.00
CA ALA C 52 7.54 21.12 18.18
C ALA C 52 6.16 21.76 18.20
N SER C 53 6.07 23.09 18.08
CA SER C 53 4.80 23.77 17.91
C SER C 53 4.64 24.45 16.57
N GLU C 54 5.74 24.86 15.93
CA GLU C 54 5.66 25.40 14.59
C GLU C 54 5.47 24.32 13.53
N ASN C 55 5.93 23.09 13.81
CA ASN C 55 5.81 22.04 12.83
C ASN C 55 4.36 21.60 12.69
N PRO C 56 3.96 21.13 11.51
CA PRO C 56 2.57 20.73 11.26
C PRO C 56 2.26 19.27 11.55
N PHE C 57 3.21 18.49 12.07
CA PHE C 57 2.98 17.08 12.34
C PHE C 57 2.96 16.76 13.83
N ARG C 58 2.82 17.76 14.68
CA ARG C 58 2.76 17.54 16.11
C ARG C 58 1.96 18.65 16.81
N VAL D 39 -20.29 22.08 -17.51
CA VAL D 39 -20.98 21.93 -16.23
C VAL D 39 -22.35 22.60 -16.31
N GLN D 40 -23.39 21.83 -16.07
CA GLN D 40 -24.76 22.32 -16.16
C GLN D 40 -25.59 21.71 -15.04
N LEU D 41 -26.38 22.54 -14.37
CA LEU D 41 -27.23 22.14 -13.26
C LEU D 41 -28.62 22.71 -13.51
N VAL D 42 -29.47 21.96 -14.18
CA VAL D 42 -30.82 22.41 -14.47
C VAL D 42 -31.72 21.94 -13.33
N GLU D 43 -32.73 22.73 -13.00
CA GLU D 43 -33.64 22.39 -11.91
C GLU D 43 -35.08 22.47 -12.40
N SER D 44 -35.96 21.72 -11.74
CA SER D 44 -37.36 21.66 -12.12
C SER D 44 -38.19 21.24 -10.92
N GLY D 45 -39.50 21.43 -11.05
CA GLY D 45 -40.44 20.97 -10.06
C GLY D 45 -41.06 22.02 -9.16
N GLY D 46 -41.17 23.26 -9.63
CA GLY D 46 -41.73 24.31 -8.81
C GLY D 46 -42.87 25.01 -9.52
N GLY D 47 -43.65 25.75 -8.73
CA GLY D 47 -44.79 26.48 -9.25
C GLY D 47 -45.75 26.91 -8.17
N LEU D 48 -47.04 26.92 -8.49
CA LEU D 48 -48.07 27.29 -7.54
C LEU D 48 -48.55 26.06 -6.78
N VAL D 49 -48.49 26.11 -5.46
CA VAL D 49 -48.95 25.01 -4.61
C VAL D 49 -49.70 25.60 -3.43
N GLN D 50 -50.83 24.99 -3.11
CA GLN D 50 -51.66 25.47 -2.01
C GLN D 50 -51.02 25.14 -0.67
N PRO D 51 -51.16 26.01 0.32
CA PRO D 51 -50.45 25.82 1.59
C PRO D 51 -50.84 24.53 2.29
N GLY D 52 -49.86 23.90 2.92
CA GLY D 52 -50.06 22.64 3.59
C GLY D 52 -49.91 21.42 2.71
N GLY D 53 -49.61 21.60 1.43
CA GLY D 53 -49.41 20.50 0.52
C GLY D 53 -47.99 19.98 0.53
N SER D 54 -47.60 19.36 -0.58
CA SER D 54 -46.25 18.82 -0.73
C SER D 54 -45.83 18.93 -2.18
N ARG D 55 -44.52 18.93 -2.40
CA ARG D 55 -43.97 19.03 -3.74
C ARG D 55 -42.52 18.58 -3.71
N LYS D 56 -42.10 17.90 -4.78
CA LYS D 56 -40.73 17.41 -4.90
C LYS D 56 -40.00 18.23 -5.95
N LEU D 57 -38.80 18.69 -5.60
CA LEU D 57 -37.95 19.45 -6.51
C LEU D 57 -36.84 18.54 -7.03
N SER D 58 -36.61 18.56 -8.33
CA SER D 58 -35.60 17.74 -8.96
C SER D 58 -34.51 18.61 -9.57
N CYS D 59 -33.31 18.06 -9.63
CA CYS D 59 -32.16 18.73 -10.22
C CYS D 59 -31.40 17.76 -11.11
N SER D 60 -31.27 18.09 -12.38
CA SER D 60 -30.51 17.29 -13.34
C SER D 60 -29.13 17.91 -13.51
N ALA D 61 -28.10 17.14 -13.21
CA ALA D 61 -26.71 17.56 -13.36
C ALA D 61 -26.12 16.88 -14.58
N SER D 62 -25.46 17.67 -15.43
CA SER D 62 -24.88 17.14 -16.66
C SER D 62 -23.61 17.92 -16.97
N GLY D 63 -22.50 17.21 -17.10
CA GLY D 63 -21.23 17.82 -17.44
C GLY D 63 -20.17 17.71 -16.38
N PHE D 64 -20.40 16.99 -15.28
CA PHE D 64 -19.40 16.83 -14.25
C PHE D 64 -19.69 15.56 -13.47
N ALA D 65 -18.72 15.12 -12.69
CA ALA D 65 -18.83 13.92 -11.88
C ALA D 65 -19.74 14.21 -10.70
N PHE D 66 -21.04 13.91 -10.85
CA PHE D 66 -22.00 14.21 -9.81
C PHE D 66 -21.75 13.41 -8.54
N SER D 67 -21.23 12.18 -8.67
CA SER D 67 -21.09 11.31 -7.51
C SER D 67 -20.06 11.84 -6.52
N SER D 68 -19.04 12.54 -7.00
CA SER D 68 -17.96 13.02 -6.15
C SER D 68 -18.23 14.40 -5.57
N PHE D 69 -19.37 15.00 -5.87
CA PHE D 69 -19.71 16.34 -5.43
C PHE D 69 -20.81 16.31 -4.39
N GLY D 70 -20.64 17.08 -3.33
CA GLY D 70 -21.73 17.38 -2.44
C GLY D 70 -22.70 18.37 -3.06
N MET D 71 -23.96 18.27 -2.66
CA MET D 71 -25.01 19.09 -3.24
C MET D 71 -25.71 19.89 -2.15
N HIS D 72 -26.13 21.10 -2.50
CA HIS D 72 -26.79 22.01 -1.57
C HIS D 72 -28.06 22.54 -2.21
N TRP D 73 -29.08 22.73 -1.38
CA TRP D 73 -30.27 23.48 -1.77
C TRP D 73 -30.25 24.79 -1.00
N VAL D 74 -30.26 25.91 -1.74
CA VAL D 74 -30.20 27.25 -1.18
C VAL D 74 -31.38 28.04 -1.69
N ARG D 75 -32.18 28.59 -0.79
CA ARG D 75 -33.37 29.33 -1.16
C ARG D 75 -33.07 30.82 -1.23
N GLN D 76 -33.92 31.53 -1.98
CA GLN D 76 -33.87 32.99 -1.99
C GLN D 76 -35.28 33.51 -2.19
N ALA D 77 -35.78 34.27 -1.21
CA ALA D 77 -37.10 34.86 -1.29
C ALA D 77 -37.16 35.86 -2.43
N PRO D 78 -38.36 36.19 -2.93
CA PRO D 78 -38.45 37.00 -4.15
C PRO D 78 -37.71 38.33 -4.09
N GLU D 79 -37.64 38.96 -2.92
CA GLU D 79 -36.88 40.19 -2.77
C GLU D 79 -35.83 40.13 -1.68
N LYS D 80 -35.80 39.09 -0.85
CA LYS D 80 -34.86 39.00 0.24
C LYS D 80 -33.58 38.31 -0.26
N GLY D 81 -32.70 37.94 0.68
CA GLY D 81 -31.42 37.36 0.35
C GLY D 81 -31.46 35.85 0.28
N LEU D 82 -30.27 35.25 0.24
CA LEU D 82 -30.11 33.82 0.13
C LEU D 82 -30.18 33.17 1.52
N GLU D 83 -30.65 31.93 1.54
CA GLU D 83 -30.76 31.17 2.79
C GLU D 83 -30.55 29.70 2.48
N TRP D 84 -29.65 29.07 3.22
CA TRP D 84 -29.33 27.67 2.99
C TRP D 84 -30.47 26.78 3.49
N VAL D 85 -30.91 25.85 2.65
CA VAL D 85 -32.01 24.96 2.97
C VAL D 85 -31.52 23.59 3.39
N ALA D 86 -30.67 22.96 2.57
CA ALA D 86 -30.26 21.61 2.87
C ALA D 86 -28.91 21.30 2.22
N TYR D 87 -28.29 20.22 2.69
CA TYR D 87 -27.02 19.76 2.14
C TYR D 87 -26.97 18.25 2.22
N ILE D 88 -26.56 17.62 1.12
CA ILE D 88 -26.33 16.18 1.04
C ILE D 88 -24.88 15.96 0.61
N SER D 89 -24.22 15.00 1.23
CA SER D 89 -22.81 14.78 0.99
C SER D 89 -22.60 13.68 -0.04
N SER D 90 -21.38 13.59 -0.54
CA SER D 90 -21.01 12.47 -1.41
C SER D 90 -21.15 11.17 -0.64
N GLY D 91 -21.80 10.20 -1.27
CA GLY D 91 -22.12 8.96 -0.60
C GLY D 91 -23.36 9.01 0.27
N SER D 92 -24.02 10.15 0.36
CA SER D 92 -25.27 10.31 1.10
C SER D 92 -25.11 9.95 2.57
N GLY D 93 -23.93 10.19 3.13
CA GLY D 93 -23.67 9.81 4.50
C GLY D 93 -23.76 10.95 5.49
N THR D 94 -23.91 12.17 4.98
CA THR D 94 -23.97 13.37 5.83
C THR D 94 -25.03 14.29 5.24
N ILE D 95 -26.18 14.35 5.91
CA ILE D 95 -27.32 15.14 5.46
C ILE D 95 -27.63 16.18 6.54
N TYR D 96 -27.68 17.44 6.15
CA TYR D 96 -27.95 18.53 7.07
C TYR D 96 -29.12 19.35 6.55
N TYR D 97 -29.97 19.81 7.46
CA TYR D 97 -31.10 20.65 7.11
C TYR D 97 -31.07 21.92 7.94
N ALA D 98 -31.68 22.97 7.41
CA ALA D 98 -31.84 24.20 8.15
C ALA D 98 -32.87 24.01 9.25
N ASP D 99 -32.80 24.88 10.27
CA ASP D 99 -33.70 24.75 11.39
C ASP D 99 -35.14 25.05 11.00
N THR D 100 -35.34 25.80 9.92
CA THR D 100 -36.68 26.18 9.48
C THR D 100 -37.28 25.19 8.49
N VAL D 101 -36.56 24.13 8.14
CA VAL D 101 -37.05 23.17 7.16
C VAL D 101 -36.85 21.76 7.68
N LYS D 102 -36.19 21.64 8.84
CA LYS D 102 -35.86 20.32 9.37
C LYS D 102 -37.12 19.53 9.67
N GLY D 103 -37.04 18.23 9.46
CA GLY D 103 -38.20 17.37 9.69
C GLY D 103 -39.20 17.32 8.56
N ARG D 104 -39.69 18.46 8.13
CA ARG D 104 -40.69 18.49 7.06
C ARG D 104 -40.09 18.52 5.67
N PHE D 105 -38.78 18.74 5.54
CA PHE D 105 -38.08 18.60 4.28
C PHE D 105 -37.09 17.45 4.38
N THR D 106 -36.89 16.74 3.28
CA THR D 106 -35.87 15.71 3.20
C THR D 106 -35.10 15.86 1.89
N ILE D 107 -33.82 15.53 1.92
CA ILE D 107 -32.96 15.63 0.76
C ILE D 107 -32.52 14.24 0.34
N SER D 108 -32.26 14.07 -0.96
CA SER D 108 -31.83 12.78 -1.47
C SER D 108 -31.12 12.99 -2.80
N ARG D 109 -30.41 11.95 -3.24
CA ARG D 109 -29.72 12.01 -4.51
C ARG D 109 -29.76 10.64 -5.17
N ASP D 110 -29.64 10.65 -6.50
CA ASP D 110 -29.52 9.45 -7.30
C ASP D 110 -28.29 9.63 -8.18
N ASP D 111 -27.17 9.07 -7.71
CA ASP D 111 -25.93 9.17 -8.47
C ASP D 111 -25.98 8.48 -9.83
N PRO D 112 -26.50 7.25 -9.97
CA PRO D 112 -26.59 6.67 -11.31
C PRO D 112 -27.41 7.50 -12.27
N LYS D 113 -28.49 8.12 -11.80
CA LYS D 113 -29.30 8.99 -12.63
C LYS D 113 -28.85 10.44 -12.59
N ASN D 114 -27.86 10.76 -11.76
CA ASN D 114 -27.29 12.10 -11.68
C ASN D 114 -28.37 13.15 -11.38
N THR D 115 -29.24 12.85 -10.43
CA THR D 115 -30.34 13.75 -10.13
C THR D 115 -30.49 13.94 -8.63
N LEU D 116 -30.56 15.19 -8.22
CA LEU D 116 -30.82 15.56 -6.83
C LEU D 116 -32.31 15.75 -6.60
N PHE D 117 -32.77 15.45 -5.38
CA PHE D 117 -34.17 15.59 -5.02
C PHE D 117 -34.29 16.26 -3.67
N LEU D 118 -35.26 17.17 -3.56
CA LEU D 118 -35.67 17.76 -2.29
C LEU D 118 -37.17 17.57 -2.16
N GLN D 119 -37.57 16.68 -1.26
CA GLN D 119 -38.99 16.43 -1.01
C GLN D 119 -39.44 17.30 0.15
N MET D 120 -40.49 18.08 -0.06
CA MET D 120 -40.96 19.04 0.93
C MET D 120 -42.40 18.76 1.30
N THR D 121 -42.67 18.70 2.60
CA THR D 121 -44.00 18.47 3.13
C THR D 121 -44.36 19.60 4.09
N SER D 122 -45.67 19.82 4.26
CA SER D 122 -46.19 20.86 5.15
C SER D 122 -45.67 22.24 4.74
N LEU D 123 -46.02 22.64 3.53
CA LEU D 123 -45.56 23.91 2.99
C LEU D 123 -46.20 25.08 3.72
N ARG D 124 -45.43 26.15 3.88
CA ARG D 124 -45.88 27.34 4.58
C ARG D 124 -45.61 28.56 3.71
N SER D 125 -46.13 29.71 4.16
CA SER D 125 -45.95 30.95 3.41
C SER D 125 -44.49 31.35 3.35
N GLU D 126 -43.68 30.94 4.33
CA GLU D 126 -42.27 31.26 4.32
C GLU D 126 -41.52 30.56 3.19
N ASP D 127 -42.07 29.48 2.65
CA ASP D 127 -41.40 28.73 1.59
C ASP D 127 -41.82 29.21 0.21
N THR D 128 -41.75 30.50 -0.03
CA THR D 128 -41.99 31.09 -1.34
C THR D 128 -40.66 31.67 -1.79
N ALA D 129 -39.97 30.96 -2.69
CA ALA D 129 -38.60 31.34 -3.01
C ALA D 129 -38.18 30.69 -4.31
N MET D 130 -37.09 31.21 -4.87
CA MET D 130 -36.34 30.53 -5.90
C MET D 130 -35.33 29.61 -5.22
N TYR D 131 -35.41 28.32 -5.53
CA TYR D 131 -34.51 27.32 -4.97
C TYR D 131 -33.38 27.06 -5.95
N TYR D 132 -32.16 26.98 -5.43
CA TYR D 132 -30.96 26.81 -6.22
C TYR D 132 -30.26 25.54 -5.80
N CYS D 133 -29.79 24.79 -6.78
CA CYS D 133 -28.89 23.67 -6.55
C CYS D 133 -27.46 24.17 -6.63
N VAL D 134 -26.64 23.79 -5.66
CA VAL D 134 -25.27 24.26 -5.57
C VAL D 134 -24.35 23.06 -5.49
N ARG D 135 -23.27 23.12 -6.27
CA ARG D 135 -22.26 22.07 -6.36
C ARG D 135 -21.09 22.44 -5.46
N SER D 136 -20.68 21.50 -4.61
CA SER D 136 -19.61 21.79 -3.66
C SER D 136 -18.83 20.52 -3.36
N ILE D 137 -17.58 20.46 -3.80
CA ILE D 137 -16.69 19.36 -3.46
C ILE D 137 -15.82 19.78 -2.29
N TYR D 138 -15.32 18.80 -1.55
CA TYR D 138 -14.59 19.07 -0.31
C TYR D 138 -13.34 18.20 -0.25
N TYR D 139 -12.22 18.77 -0.68
CA TYR D 139 -10.89 18.23 -0.42
C TYR D 139 -9.96 19.41 -0.22
N TYR D 140 -8.69 19.11 0.06
CA TYR D 140 -7.74 20.19 0.27
C TYR D 140 -7.56 21.00 -1.01
N GLY D 141 -7.79 22.30 -0.90
CA GLY D 141 -7.67 23.19 -2.03
C GLY D 141 -8.90 23.29 -2.90
N SER D 142 -9.95 22.54 -2.60
CA SER D 142 -11.16 22.57 -3.40
C SER D 142 -11.88 23.90 -3.24
N SER D 143 -12.79 24.17 -4.18
CA SER D 143 -13.58 25.40 -4.17
C SER D 143 -15.05 25.02 -4.03
N PRO D 144 -15.56 24.95 -2.81
CA PRO D 144 -16.97 24.65 -2.61
C PRO D 144 -17.85 25.77 -3.14
N PHE D 145 -19.09 25.42 -3.45
CA PHE D 145 -20.07 26.35 -3.99
C PHE D 145 -19.57 26.95 -5.31
N ASP D 146 -18.89 26.13 -6.10
CA ASP D 146 -18.26 26.61 -7.32
C ASP D 146 -19.28 26.88 -8.40
N PHE D 147 -20.27 26.00 -8.55
CA PHE D 147 -21.26 26.12 -9.60
C PHE D 147 -22.66 26.11 -9.01
N TRP D 148 -23.47 27.06 -9.45
CA TRP D 148 -24.87 27.14 -9.05
C TRP D 148 -25.74 26.87 -10.26
N GLY D 149 -26.94 26.36 -9.99
CA GLY D 149 -27.84 26.02 -11.06
C GLY D 149 -28.57 27.22 -11.63
N GLN D 150 -29.85 27.05 -11.93
CA GLN D 150 -30.67 28.14 -12.44
C GLN D 150 -31.83 28.51 -11.54
N GLY D 151 -32.26 27.61 -10.67
CA GLY D 151 -33.30 27.92 -9.71
C GLY D 151 -34.68 27.60 -10.22
N THR D 152 -35.57 27.26 -9.29
CA THR D 152 -36.98 27.03 -9.59
C THR D 152 -37.81 27.86 -8.64
N THR D 153 -38.83 28.54 -9.17
CA THR D 153 -39.72 29.35 -8.37
C THR D 153 -40.78 28.45 -7.74
N LEU D 154 -40.91 28.51 -6.42
CA LEU D 154 -42.01 27.87 -5.71
C LEU D 154 -42.74 28.94 -4.94
N THR D 155 -44.00 29.18 -5.30
CA THR D 155 -44.83 30.19 -4.67
C THR D 155 -46.03 29.52 -4.03
N VAL D 156 -46.26 29.81 -2.75
CA VAL D 156 -47.44 29.32 -2.05
C VAL D 156 -48.40 30.49 -1.84
N SER D 157 -49.67 30.16 -1.71
CA SER D 157 -50.70 31.17 -1.57
C SER D 157 -51.36 31.11 -0.20
N ASP D 175 -26.05 29.56 15.38
CA ASP D 175 -26.16 30.16 14.05
C ASP D 175 -25.36 31.45 13.98
N ILE D 176 -24.23 31.40 13.27
CA ILE D 176 -23.38 32.57 13.13
C ILE D 176 -24.07 33.57 12.23
N VAL D 177 -24.12 34.83 12.66
CA VAL D 177 -24.88 35.86 11.97
C VAL D 177 -23.94 36.64 11.06
N MET D 178 -24.29 36.73 9.78
CA MET D 178 -23.60 37.57 8.82
C MET D 178 -24.36 38.87 8.67
N THR D 179 -23.69 39.97 8.99
CA THR D 179 -24.29 41.30 8.91
C THR D 179 -23.59 42.08 7.81
N GLN D 180 -24.38 42.58 6.86
CA GLN D 180 -23.88 43.48 5.82
C GLN D 180 -24.52 44.83 6.09
N ALA D 181 -23.82 45.67 6.85
CA ALA D 181 -24.39 46.93 7.30
C ALA D 181 -24.74 47.85 6.15
N THR D 182 -24.16 47.62 4.97
CA THR D 182 -24.46 48.41 3.79
C THR D 182 -25.28 47.56 2.83
N SER D 183 -26.45 48.06 2.44
CA SER D 183 -27.33 47.34 1.54
C SER D 183 -27.31 47.87 0.11
N SER D 184 -27.03 49.16 -0.07
CA SER D 184 -26.92 49.74 -1.40
C SER D 184 -25.67 50.60 -1.47
N VAL D 185 -25.03 50.58 -2.63
CA VAL D 185 -23.82 51.37 -2.86
C VAL D 185 -23.91 52.05 -4.23
N PRO D 186 -23.88 53.37 -4.30
CA PRO D 186 -23.80 54.04 -5.61
C PRO D 186 -22.39 53.97 -6.15
N VAL D 187 -22.25 53.44 -7.38
CA VAL D 187 -20.95 53.20 -7.97
C VAL D 187 -20.97 53.61 -9.43
N THR D 188 -19.78 53.98 -9.95
CA THR D 188 -19.60 54.35 -11.34
C THR D 188 -18.46 53.51 -11.90
N PRO D 189 -18.51 53.16 -13.19
CA PRO D 189 -17.45 52.34 -13.78
C PRO D 189 -16.09 53.03 -13.70
N GLY D 190 -15.06 52.22 -13.50
CA GLY D 190 -13.69 52.70 -13.39
C GLY D 190 -13.20 52.89 -11.98
N GLU D 191 -14.11 52.99 -11.00
CA GLU D 191 -13.72 53.18 -9.62
C GLU D 191 -13.50 51.83 -8.93
N SER D 192 -13.02 51.90 -7.69
CA SER D 192 -12.79 50.72 -6.88
C SER D 192 -13.67 50.78 -5.65
N VAL D 193 -14.41 49.70 -5.39
CA VAL D 193 -15.33 49.65 -4.26
C VAL D 193 -15.03 48.42 -3.42
N SER D 194 -15.33 48.53 -2.13
CA SER D 194 -15.06 47.48 -1.17
C SER D 194 -16.35 47.18 -0.42
N ILE D 195 -16.78 45.91 -0.44
CA ILE D 195 -17.99 45.47 0.22
C ILE D 195 -17.60 44.71 1.49
N SER D 196 -18.14 45.13 2.63
CA SER D 196 -17.72 44.62 3.92
C SER D 196 -18.81 43.77 4.56
N CYS D 197 -18.40 42.71 5.24
CA CYS D 197 -19.29 41.85 5.99
C CYS D 197 -18.76 41.69 7.41
N ARG D 198 -19.66 41.36 8.32
CA ARG D 198 -19.31 41.11 9.71
C ARG D 198 -19.85 39.76 10.13
N SER D 199 -19.16 39.12 11.07
CA SER D 199 -19.51 37.81 11.57
C SER D 199 -19.72 37.86 13.07
N SER D 200 -20.69 37.09 13.56
CA SER D 200 -20.93 37.00 15.00
C SER D 200 -19.85 36.22 15.71
N LYS D 201 -19.20 35.27 15.04
CA LYS D 201 -18.14 34.47 15.62
C LYS D 201 -16.98 34.44 14.65
N SER D 202 -15.77 34.30 15.18
CA SER D 202 -14.59 34.27 14.35
C SER D 202 -14.63 33.06 13.42
N LEU D 203 -14.39 33.30 12.14
CA LEU D 203 -14.42 32.24 11.14
C LEU D 203 -13.04 31.63 10.88
N LEU D 204 -12.00 32.11 11.56
CA LEU D 204 -10.67 31.54 11.43
C LEU D 204 -10.57 30.31 12.33
N HIS D 205 -10.49 29.13 11.72
CA HIS D 205 -10.38 27.90 12.46
C HIS D 205 -8.93 27.65 12.87
N SER D 206 -8.75 26.67 13.74
CA SER D 206 -7.40 26.32 14.20
C SER D 206 -6.54 25.78 13.08
N ASN D 207 -7.14 25.24 12.02
CA ASN D 207 -6.36 24.73 10.90
C ASN D 207 -5.75 25.84 10.05
N GLY D 208 -6.12 27.09 10.29
CA GLY D 208 -5.59 28.22 9.54
C GLY D 208 -6.49 28.72 8.43
N ASN D 209 -7.69 28.18 8.31
CA ASN D 209 -8.62 28.58 7.26
C ASN D 209 -9.68 29.50 7.84
N THR D 210 -9.90 30.63 7.17
CA THR D 210 -11.01 31.53 7.48
C THR D 210 -12.11 31.26 6.46
N TYR D 211 -13.20 30.65 6.93
CA TYR D 211 -14.21 30.07 6.06
C TYR D 211 -15.27 31.11 5.74
N LEU D 212 -14.92 32.02 4.84
CA LEU D 212 -15.85 33.02 4.32
C LEU D 212 -15.92 32.90 2.81
N TYR D 213 -17.13 33.01 2.27
CA TYR D 213 -17.37 32.84 0.85
C TYR D 213 -18.06 34.08 0.30
N TRP D 214 -17.78 34.38 -0.96
CA TRP D 214 -18.33 35.54 -1.63
C TRP D 214 -19.04 35.12 -2.90
N PHE D 215 -20.21 35.72 -3.15
CA PHE D 215 -21.01 35.38 -4.31
C PHE D 215 -21.53 36.67 -4.94
N LEU D 216 -21.71 36.63 -6.25
CA LEU D 216 -22.27 37.74 -7.02
C LEU D 216 -23.52 37.26 -7.74
N GLN D 217 -24.62 37.97 -7.54
CA GLN D 217 -25.90 37.64 -8.17
C GLN D 217 -26.25 38.78 -9.12
N ARG D 218 -25.88 38.61 -10.39
CA ARG D 218 -26.22 39.58 -11.40
C ARG D 218 -27.72 39.54 -11.68
N PRO D 219 -28.29 40.62 -12.21
CA PRO D 219 -29.74 40.66 -12.43
C PRO D 219 -30.22 39.47 -13.25
N GLY D 220 -31.21 38.77 -12.72
CA GLY D 220 -31.78 37.63 -13.40
C GLY D 220 -30.79 36.51 -13.66
N GLN D 221 -29.92 36.23 -12.69
CA GLN D 221 -28.90 35.20 -12.87
C GLN D 221 -28.66 34.53 -11.53
N SER D 222 -28.10 33.33 -11.59
CA SER D 222 -27.78 32.59 -10.38
C SER D 222 -26.51 33.14 -9.75
N PRO D 223 -26.36 33.00 -8.43
CA PRO D 223 -25.14 33.45 -7.78
C PRO D 223 -23.92 32.75 -8.34
N GLN D 224 -22.85 33.50 -8.52
CA GLN D 224 -21.60 32.99 -9.05
C GLN D 224 -20.51 33.17 -8.02
N LEU D 225 -19.77 32.10 -7.75
CA LEU D 225 -18.70 32.17 -6.77
C LEU D 225 -17.62 33.13 -7.23
N LEU D 226 -17.17 33.97 -6.31
CA LEU D 226 -16.08 34.90 -6.54
C LEU D 226 -14.86 34.54 -5.71
N ILE D 227 -15.03 34.44 -4.39
CA ILE D 227 -13.93 34.18 -3.49
C ILE D 227 -14.37 33.15 -2.46
N TYR D 228 -13.55 32.12 -2.27
CA TYR D 228 -13.78 31.12 -1.24
C TYR D 228 -12.66 31.19 -0.21
N ARG D 229 -13.03 30.97 1.04
CA ARG D 229 -12.11 31.02 2.18
C ARG D 229 -11.48 32.39 2.34
N MET D 230 -12.20 33.43 1.93
CA MET D 230 -11.91 34.83 2.26
C MET D 230 -10.68 35.39 1.56
N SER D 231 -9.91 34.54 0.89
CA SER D 231 -8.75 35.01 0.16
C SER D 231 -8.58 34.41 -1.23
N ASN D 232 -9.18 33.26 -1.52
CA ASN D 232 -8.87 32.53 -2.73
C ASN D 232 -9.84 32.87 -3.84
N LEU D 233 -9.29 33.21 -5.00
CA LEU D 233 -10.10 33.55 -6.16
C LEU D 233 -10.60 32.29 -6.84
N ALA D 234 -11.84 32.33 -7.31
CA ALA D 234 -12.42 31.20 -8.02
C ALA D 234 -11.83 31.09 -9.42
N SER D 235 -12.25 30.07 -10.14
CA SER D 235 -11.79 29.85 -11.50
C SER D 235 -12.75 30.53 -12.48
N GLY D 236 -12.23 31.43 -13.29
CA GLY D 236 -13.03 32.15 -14.24
C GLY D 236 -13.40 33.56 -13.84
N VAL D 237 -13.06 33.97 -12.62
CA VAL D 237 -13.31 35.34 -12.18
C VAL D 237 -12.05 36.16 -12.40
N PRO D 238 -12.17 37.39 -12.88
CA PRO D 238 -10.97 38.20 -13.15
C PRO D 238 -10.22 38.52 -11.87
N ASP D 239 -8.93 38.78 -12.03
CA ASP D 239 -8.08 39.11 -10.90
C ASP D 239 -8.43 40.44 -10.26
N ARG D 240 -9.45 41.14 -10.77
CA ARG D 240 -9.88 42.39 -10.15
C ARG D 240 -10.40 42.14 -8.75
N PHE D 241 -11.18 41.08 -8.56
CA PHE D 241 -11.74 40.77 -7.26
C PHE D 241 -10.65 40.33 -6.29
N SER D 242 -10.75 40.80 -5.06
CA SER D 242 -9.83 40.42 -4.01
C SER D 242 -10.53 40.57 -2.66
N GLY D 243 -10.27 39.63 -1.77
CA GLY D 243 -10.93 39.62 -0.48
C GLY D 243 -9.93 39.48 0.64
N SER D 244 -10.26 40.10 1.77
CA SER D 244 -9.39 40.07 2.94
C SER D 244 -10.25 40.28 4.17
N GLY D 245 -9.68 39.93 5.33
CA GLY D 245 -10.40 40.07 6.57
C GLY D 245 -9.70 39.43 7.75
N SER D 246 -10.47 39.15 8.79
CA SER D 246 -9.92 38.56 10.01
C SER D 246 -10.72 37.34 10.46
N THR D 248 -13.53 38.10 11.98
CA THR D 248 -14.88 38.51 12.35
C THR D 248 -15.41 39.58 11.41
N ALA D 249 -14.50 40.40 10.88
CA ALA D 249 -14.85 41.46 9.93
C ALA D 249 -14.07 41.25 8.64
N PHE D 250 -14.75 41.38 7.51
CA PHE D 250 -14.17 41.05 6.21
C PHE D 250 -14.47 42.15 5.20
N THR D 251 -13.91 41.99 4.01
CA THR D 251 -14.15 42.94 2.93
C THR D 251 -13.88 42.25 1.59
N LEU D 252 -14.58 42.70 0.56
CA LEU D 252 -14.34 42.29 -0.82
C LEU D 252 -14.06 43.52 -1.66
N THR D 253 -12.88 43.60 -2.25
CA THR D 253 -12.46 44.76 -3.00
C THR D 253 -12.50 44.44 -4.49
N ILE D 254 -13.15 45.30 -5.26
CA ILE D 254 -13.18 45.20 -6.72
C ILE D 254 -12.42 46.41 -7.26
N SER D 255 -11.43 46.15 -8.09
CA SER D 255 -10.61 47.21 -8.66
C SER D 255 -10.82 47.27 -10.17
N ARG D 256 -10.79 48.49 -10.71
CA ARG D 256 -11.02 48.75 -12.12
C ARG D 256 -12.36 48.16 -12.55
N LEU D 257 -13.42 48.70 -11.95
CA LEU D 257 -14.74 48.12 -12.07
C LEU D 257 -15.23 48.16 -13.51
N GLU D 258 -15.92 47.10 -13.92
CA GLU D 258 -16.57 47.01 -15.22
C GLU D 258 -18.09 47.02 -15.03
N ALA D 259 -18.81 47.00 -16.14
CA ALA D 259 -20.25 47.08 -16.10
C ALA D 259 -20.92 45.75 -15.81
N GLU D 260 -20.17 44.65 -15.82
CA GLU D 260 -20.72 43.32 -15.57
C GLU D 260 -20.64 42.92 -14.11
N ASP D 261 -20.18 43.81 -13.23
CA ASP D 261 -20.08 43.52 -11.81
C ASP D 261 -21.23 44.08 -11.00
N VAL D 262 -22.23 44.64 -11.66
CA VAL D 262 -23.40 45.15 -10.96
C VAL D 262 -24.28 43.98 -10.53
N GLY D 263 -24.87 44.10 -9.36
CA GLY D 263 -25.70 43.05 -8.80
C GLY D 263 -25.67 43.11 -7.28
N VAL D 264 -25.99 41.98 -6.68
CA VAL D 264 -26.03 41.84 -5.23
C VAL D 264 -24.92 40.91 -4.80
N TYR D 265 -24.09 41.36 -3.86
CA TYR D 265 -22.97 40.59 -3.36
C TYR D 265 -23.35 39.96 -2.02
N TYR D 266 -23.23 38.65 -1.92
CA TYR D 266 -23.59 37.91 -0.72
C TYR D 266 -22.35 37.30 -0.10
N CYS D 267 -22.28 37.31 1.22
CA CYS D 267 -21.22 36.64 1.97
C CYS D 267 -21.81 35.51 2.76
N MET D 268 -21.14 34.35 2.72
CA MET D 268 -21.64 33.13 3.32
C MET D 268 -20.55 32.50 4.18
N GLN D 269 -20.94 32.01 5.36
CA GLN D 269 -20.02 31.30 6.23
C GLN D 269 -20.16 29.80 6.03
N HIS D 270 -19.05 29.09 6.28
CA HIS D 270 -19.05 27.64 6.19
C HIS D 270 -18.32 27.01 7.37
N LEU D 271 -18.11 27.76 8.46
CA LEU D 271 -17.41 27.22 9.62
C LEU D 271 -18.20 26.10 10.28
N GLU D 272 -19.51 26.28 10.40
CA GLU D 272 -20.36 25.28 11.03
C GLU D 272 -21.77 25.45 10.51
N TYR D 273 -22.47 24.34 10.39
CA TYR D 273 -23.86 24.38 9.96
C TYR D 273 -24.74 24.91 11.08
N PRO D 274 -25.81 25.64 10.75
CA PRO D 274 -26.28 25.98 9.40
C PRO D 274 -25.43 27.01 8.69
N LEU D 275 -25.31 26.89 7.37
CA LEU D 275 -24.64 27.89 6.56
C LEU D 275 -25.52 29.12 6.47
N THR D 276 -25.02 30.25 6.96
CA THR D 276 -25.81 31.48 7.02
C THR D 276 -25.22 32.51 6.07
N PHE D 277 -26.11 33.15 5.31
CA PHE D 277 -25.74 34.18 4.36
C PHE D 277 -25.87 35.55 5.00
N GLY D 278 -25.56 36.59 4.23
CA GLY D 278 -25.82 37.95 4.63
C GLY D 278 -27.02 38.51 3.89
N ALA D 279 -27.39 39.73 4.27
CA ALA D 279 -28.50 40.40 3.60
C ALA D 279 -28.20 40.66 2.14
N GLY D 280 -26.97 41.05 1.83
CA GLY D 280 -26.58 41.33 0.47
C GLY D 280 -26.35 42.80 0.21
N THR D 281 -25.30 43.14 -0.53
CA THR D 281 -24.98 44.52 -0.83
C THR D 281 -25.21 44.76 -2.32
N LYS D 282 -26.21 45.56 -2.64
CA LYS D 282 -26.56 45.84 -4.02
C LYS D 282 -25.67 46.94 -4.58
N LEU D 283 -25.07 46.68 -5.74
CA LEU D 283 -24.23 47.64 -6.44
C LEU D 283 -24.96 48.07 -7.70
N GLU D 284 -25.43 49.31 -7.73
CA GLU D 284 -26.17 49.85 -8.86
C GLU D 284 -25.37 50.98 -9.50
N LEU D 285 -25.41 51.06 -10.82
CA LEU D 285 -24.72 52.11 -11.55
C LEU D 285 -25.34 53.47 -11.24
N CYS E 13 -20.99 -35.71 51.71
CA CYS E 13 -20.12 -36.48 50.84
C CYS E 13 -18.66 -36.27 51.23
N THR E 14 -18.05 -37.29 51.83
CA THR E 14 -16.68 -37.22 52.33
C THR E 14 -15.76 -37.75 51.23
N ILE E 15 -15.17 -36.81 50.49
CA ILE E 15 -14.23 -37.12 49.43
C ILE E 15 -12.87 -36.57 49.85
N ASP E 16 -11.82 -37.35 49.63
CA ASP E 16 -10.48 -36.95 50.01
C ASP E 16 -9.79 -36.52 48.73
N HIS E 17 -8.86 -35.57 48.86
CA HIS E 17 -8.14 -35.00 47.73
C HIS E 17 -6.65 -35.04 48.04
N THR E 18 -6.02 -36.18 47.75
CA THR E 18 -4.58 -36.29 47.85
C THR E 18 -3.89 -36.09 46.52
N ILE E 19 -4.58 -36.34 45.41
CA ILE E 19 -4.03 -36.01 44.09
C ILE E 19 -3.85 -34.50 43.96
N HIS E 20 -4.77 -33.73 44.57
CA HIS E 20 -4.64 -32.28 44.55
C HIS E 20 -3.40 -31.79 45.30
N GLN E 21 -2.83 -32.62 46.17
CA GLN E 21 -1.64 -32.24 46.92
C GLN E 21 -0.37 -32.89 46.40
N THR E 22 -0.47 -34.00 45.67
CA THR E 22 0.71 -34.70 45.18
C THR E 22 1.06 -34.27 43.75
N LEU E 23 0.14 -34.48 42.82
CA LEU E 23 0.40 -34.16 41.42
C LEU E 23 -0.10 -32.80 40.93
N ALA E 24 -1.16 -32.27 41.55
CA ALA E 24 -1.69 -30.99 41.10
C ALA E 24 -0.72 -29.82 41.28
N PRO E 25 0.01 -29.71 42.39
CA PRO E 25 0.87 -28.56 42.50
C PRO E 25 1.94 -28.64 41.52
N VAL E 26 2.44 -29.80 41.23
CA VAL E 26 3.49 -29.89 40.25
C VAL E 26 3.00 -29.45 38.93
N VAL E 27 1.86 -29.93 38.53
CA VAL E 27 1.35 -29.55 37.29
C VAL E 27 1.09 -28.12 37.19
N TYR E 28 0.60 -27.45 38.22
CA TYR E 28 0.32 -26.05 38.03
C TYR E 28 1.55 -25.28 38.03
N VAL E 29 2.51 -25.65 38.84
CA VAL E 29 3.72 -24.90 38.88
C VAL E 29 4.38 -25.03 37.57
N THR E 30 4.45 -26.21 36.99
CA THR E 30 5.10 -26.28 35.73
C THR E 30 4.37 -25.57 34.67
N VAL E 31 3.07 -25.63 34.63
CA VAL E 31 2.40 -25.02 33.54
C VAL E 31 2.53 -23.58 33.60
N LEU E 32 2.62 -23.05 34.77
CA LEU E 32 2.83 -21.61 34.94
C LEU E 32 4.21 -21.20 34.46
N VAL E 33 5.25 -21.86 34.96
CA VAL E 33 6.62 -21.44 34.69
C VAL E 33 6.97 -21.60 33.22
N VAL E 34 6.52 -22.69 32.59
CA VAL E 34 6.88 -22.93 31.19
C VAL E 34 5.86 -22.36 30.21
N GLY E 35 4.76 -21.78 30.70
CA GLY E 35 3.77 -21.25 29.79
C GLY E 35 3.67 -19.74 29.80
N PHE E 36 3.88 -19.10 30.94
CA PHE E 36 3.82 -17.64 30.96
C PHE E 36 4.87 -17.01 30.07
N PRO E 37 6.17 -17.36 30.15
CA PRO E 37 7.10 -16.86 29.12
C PRO E 37 6.78 -17.35 27.73
N ALA E 38 6.29 -18.59 27.60
CA ALA E 38 5.97 -19.12 26.29
C ALA E 38 4.81 -18.35 25.65
N ASN E 39 3.73 -18.16 26.41
CA ASN E 39 2.61 -17.37 25.91
C ASN E 39 2.81 -15.89 26.19
N CYS E 40 4.00 -15.40 25.94
CA CYS E 40 4.33 -14.00 25.75
C CYS E 40 5.19 -13.82 24.51
N LEU E 41 6.14 -14.72 24.29
CA LEU E 41 6.80 -14.80 22.98
C LEU E 41 5.79 -15.16 21.91
N SER E 42 4.86 -16.04 22.25
CA SER E 42 3.82 -16.46 21.33
C SER E 42 2.96 -15.25 20.96
N LEU E 43 2.61 -14.45 21.96
CA LEU E 43 1.81 -13.25 21.73
C LEU E 43 2.57 -12.23 20.89
N TYR E 44 3.86 -12.06 21.15
CA TYR E 44 4.66 -11.13 20.37
C TYR E 44 4.74 -11.56 18.91
N PHE E 45 4.94 -12.86 18.66
CA PHE E 45 5.02 -13.34 17.29
C PHE E 45 3.67 -13.28 16.59
N GLY E 46 2.58 -13.50 17.34
CA GLY E 46 1.27 -13.28 16.78
C GLY E 46 1.04 -11.83 16.39
N TYR E 47 1.53 -10.90 17.21
CA TYR E 47 1.44 -9.49 16.85
C TYR E 47 2.28 -9.20 15.61
N LEU E 48 3.46 -9.83 15.51
CA LEU E 48 4.27 -9.65 14.32
C LEU E 48 3.53 -10.13 13.07
N GLN E 49 2.86 -11.28 13.17
CA GLN E 49 2.01 -11.73 12.07
C GLN E 49 0.83 -10.79 11.83
N ILE E 50 0.37 -10.10 12.88
CA ILE E 50 -0.69 -9.12 12.73
C ILE E 50 -0.21 -7.92 11.92
N LYS E 51 1.05 -7.52 12.13
CA LYS E 51 1.61 -6.39 11.38
C LYS E 51 1.56 -6.67 9.88
N ALA E 52 1.93 -7.86 9.47
CA ALA E 52 1.70 -8.28 8.10
C ALA E 52 0.22 -8.59 7.91
N ARG E 53 -0.24 -8.52 6.67
CA ARG E 53 -1.65 -8.78 6.38
C ARG E 53 -1.95 -10.27 6.46
N ASN E 54 -1.84 -10.84 7.66
CA ASN E 54 -2.04 -12.26 7.88
C ASN E 54 -3.26 -12.47 8.76
N GLU E 55 -4.26 -13.19 8.24
CA GLU E 55 -5.46 -13.46 9.01
C GLU E 55 -5.18 -14.35 10.21
N LEU E 56 -4.20 -15.25 10.08
CA LEU E 56 -3.86 -16.16 11.17
C LEU E 56 -3.34 -15.43 12.40
N GLY E 57 -2.86 -14.19 12.24
CA GLY E 57 -2.35 -13.45 13.38
C GLY E 57 -3.42 -13.18 14.42
N VAL E 58 -4.64 -12.85 13.96
CA VAL E 58 -5.73 -12.61 14.90
C VAL E 58 -6.00 -13.85 15.73
N TYR E 59 -6.08 -15.01 15.08
CA TYR E 59 -6.36 -16.25 15.79
C TYR E 59 -5.23 -16.60 16.75
N LEU E 60 -3.98 -16.43 16.32
CA LEU E 60 -2.86 -16.76 17.20
C LEU E 60 -2.84 -15.84 18.42
N CYS E 61 -3.06 -14.54 18.21
CA CYS E 61 -3.08 -13.61 19.33
C CYS E 61 -4.21 -13.92 20.28
N ASN E 62 -5.39 -14.25 19.76
CA ASN E 62 -6.53 -14.56 20.61
C ASN E 62 -6.30 -15.84 21.39
N LEU E 63 -5.72 -16.86 20.75
CA LEU E 63 -5.41 -18.10 21.45
C LEU E 63 -4.39 -17.86 22.55
N THR E 64 -3.37 -17.04 22.27
CA THR E 64 -2.38 -16.72 23.29
C THR E 64 -3.01 -15.93 24.43
N VAL E 65 -3.96 -15.05 24.13
CA VAL E 65 -4.64 -14.29 25.18
C VAL E 65 -5.44 -15.24 26.08
N ALA E 66 -6.15 -16.19 25.47
CA ALA E 66 -6.90 -17.16 26.26
C ALA E 66 -5.97 -18.00 27.13
N ASP E 67 -4.84 -18.38 26.61
CA ASP E 67 -3.95 -19.15 27.41
C ASP E 67 -3.43 -18.27 28.48
N LEU E 68 -3.10 -17.05 28.22
CA LEU E 68 -2.60 -16.14 29.26
C LEU E 68 -3.62 -15.98 30.38
N PHE E 69 -4.91 -15.92 30.03
CA PHE E 69 -5.94 -15.88 31.06
C PHE E 69 -5.91 -17.14 31.90
N TYR E 70 -5.75 -18.30 31.26
CA TYR E 70 -5.63 -19.55 32.00
C TYR E 70 -4.42 -19.51 32.94
N ILE E 71 -3.29 -19.03 32.44
CA ILE E 71 -2.08 -18.95 33.26
C ILE E 71 -2.30 -18.02 34.44
N CYS E 72 -2.96 -16.89 34.17
CA CYS E 72 -3.25 -15.91 35.20
C CYS E 72 -4.08 -16.57 36.30
N SER E 73 -5.06 -17.37 35.90
CA SER E 73 -5.90 -18.05 36.88
C SER E 73 -5.15 -19.14 37.63
N LEU E 74 -4.09 -19.68 37.03
CA LEU E 74 -3.38 -20.80 37.66
C LEU E 74 -2.85 -20.53 39.06
N PRO E 75 -2.21 -19.40 39.38
CA PRO E 75 -1.66 -19.23 40.74
C PRO E 75 -2.70 -19.33 41.83
N PHE E 76 -3.93 -18.85 41.57
CA PHE E 76 -4.98 -19.00 42.57
C PHE E 76 -5.28 -20.46 42.83
N TRP E 77 -5.34 -21.27 41.77
CA TRP E 77 -5.59 -22.71 41.95
C TRP E 77 -4.41 -23.38 42.65
N LEU E 78 -3.19 -22.94 42.38
CA LEU E 78 -2.03 -23.50 43.06
C LEU E 78 -2.09 -23.21 44.55
N GLN E 79 -2.44 -21.98 44.90
CA GLN E 79 -2.57 -21.59 46.30
C GLN E 79 -3.70 -22.38 46.95
N TYR E 80 -4.78 -22.57 46.20
CA TYR E 80 -5.94 -23.31 46.69
C TYR E 80 -5.57 -24.75 47.02
N VAL E 81 -4.91 -25.44 46.10
CA VAL E 81 -4.52 -26.83 46.35
C VAL E 81 -3.41 -26.91 47.38
N LEU E 82 -2.68 -25.83 47.62
CA LEU E 82 -1.63 -25.86 48.62
C LEU E 82 -2.20 -25.99 50.02
N GLN E 83 -3.27 -25.24 50.33
CA GLN E 83 -3.85 -25.26 51.66
C GLN E 83 -4.97 -26.28 51.78
N HIS E 84 -4.68 -27.53 51.40
CA HIS E 84 -5.60 -28.65 51.58
C HIS E 84 -6.96 -28.39 50.95
N ASP E 85 -6.99 -27.78 49.78
CA ASP E 85 -8.21 -27.42 49.07
C ASP E 85 -9.12 -26.61 49.90
N ASN E 86 -8.72 -25.43 50.20
CA ASN E 86 -9.56 -24.50 50.94
C ASN E 86 -9.45 -23.14 50.25
N TRP E 87 -10.48 -22.78 49.49
CA TRP E 87 -10.50 -21.52 48.76
C TRP E 87 -10.85 -20.40 49.72
N SER E 88 -9.82 -19.79 50.30
CA SER E 88 -9.99 -18.68 51.22
C SER E 88 -9.81 -17.35 50.49
N HIS E 89 -10.62 -17.13 49.46
CA HIS E 89 -10.53 -15.92 48.67
C HIS E 89 -11.91 -15.38 48.27
N GLY E 90 -12.92 -15.59 49.10
CA GLY E 90 -14.24 -15.08 48.80
C GLY E 90 -15.00 -15.96 47.82
N ASP E 91 -16.23 -15.56 47.55
CA ASP E 91 -17.16 -16.34 46.75
C ASP E 91 -17.25 -15.88 45.30
N LEU E 92 -16.48 -14.88 44.90
CA LEU E 92 -16.46 -14.40 43.52
C LEU E 92 -15.15 -14.72 42.80
N SER E 93 -14.02 -14.63 43.50
CA SER E 93 -12.76 -15.08 42.92
C SER E 93 -12.82 -16.55 42.59
N CYS E 94 -13.52 -17.34 43.40
CA CYS E 94 -13.69 -18.76 43.09
C CYS E 94 -14.43 -18.94 41.78
N GLN E 95 -15.51 -18.19 41.57
CA GLN E 95 -16.25 -18.29 40.32
C GLN E 95 -15.38 -17.89 39.14
N VAL E 96 -14.65 -16.78 39.28
CA VAL E 96 -13.83 -16.29 38.16
C VAL E 96 -12.75 -17.30 37.81
N CYS E 97 -12.02 -17.78 38.82
CA CYS E 97 -10.93 -18.72 38.56
C CYS E 97 -11.46 -20.05 38.05
N GLY E 98 -12.59 -20.50 38.55
CA GLY E 98 -13.17 -21.74 38.06
C GLY E 98 -13.63 -21.62 36.62
N ILE E 99 -14.17 -20.47 36.25
CA ILE E 99 -14.53 -20.24 34.85
C ILE E 99 -13.28 -20.26 33.98
N LEU E 100 -12.21 -19.60 34.46
CA LEU E 100 -10.98 -19.56 33.67
C LEU E 100 -10.30 -20.92 33.57
N LEU E 101 -10.55 -21.81 34.53
CA LEU E 101 -9.92 -23.13 34.49
C LEU E 101 -10.77 -24.17 33.77
N TYR E 102 -12.10 -24.04 33.82
CA TYR E 102 -12.99 -25.04 33.26
C TYR E 102 -13.58 -24.59 31.92
N GLU E 103 -14.19 -23.42 31.88
CA GLU E 103 -14.88 -22.96 30.69
C GLU E 103 -13.99 -22.15 29.74
N ASN E 104 -12.80 -21.78 30.21
CA ASN E 104 -11.86 -21.00 29.41
C ASN E 104 -11.12 -21.88 28.40
N ILE E 105 -10.99 -23.16 28.69
CA ILE E 105 -10.28 -24.06 27.78
C ILE E 105 -11.04 -24.17 26.47
N TYR E 106 -12.36 -24.00 26.50
CA TYR E 106 -13.14 -24.07 25.27
C TYR E 106 -12.93 -22.85 24.38
N ILE E 107 -12.53 -21.71 24.96
CA ILE E 107 -12.13 -20.58 24.12
C ILE E 107 -10.88 -20.93 23.33
N SER E 108 -9.89 -21.53 23.99
CA SER E 108 -8.70 -21.98 23.28
C SER E 108 -9.05 -23.04 22.24
N VAL E 109 -9.97 -23.94 22.57
CA VAL E 109 -10.39 -24.97 21.63
C VAL E 109 -11.03 -24.34 20.39
N GLY E 110 -11.92 -23.38 20.60
CA GLY E 110 -12.54 -22.70 19.49
C GLY E 110 -11.55 -21.94 18.64
N PHE E 111 -10.53 -21.36 19.28
CA PHE E 111 -9.57 -20.58 18.50
C PHE E 111 -8.63 -21.48 17.71
N LEU E 112 -8.25 -22.65 18.26
CA LEU E 112 -7.46 -23.56 17.44
C LEU E 112 -8.30 -24.19 16.34
N CYS E 113 -9.61 -24.36 16.57
CA CYS E 113 -10.50 -24.76 15.48
C CYS E 113 -10.54 -23.70 14.40
N CYS E 114 -10.59 -22.43 14.80
CA CYS E 114 -10.52 -21.34 13.82
C CYS E 114 -9.21 -21.39 13.04
N ILE E 115 -8.10 -21.67 13.72
CA ILE E 115 -6.81 -21.78 13.05
C ILE E 115 -6.85 -22.92 12.03
N SER E 116 -7.39 -24.06 12.42
CA SER E 116 -7.46 -25.21 11.52
C SER E 116 -8.34 -24.92 10.31
N VAL E 117 -9.49 -24.27 10.53
CA VAL E 117 -10.38 -23.97 9.41
C VAL E 117 -9.74 -22.95 8.48
N ASP E 118 -9.05 -21.96 9.04
CA ASP E 118 -8.34 -20.99 8.20
C ASP E 118 -7.25 -21.68 7.38
N ARG E 119 -6.51 -22.60 8.00
CA ARG E 119 -5.49 -23.34 7.26
C ARG E 119 -6.11 -24.16 6.15
N TYR E 120 -7.25 -24.82 6.42
CA TYR E 120 -7.90 -25.61 5.38
C TYR E 120 -8.37 -24.73 4.24
N LEU E 121 -8.95 -23.57 4.55
CA LEU E 121 -9.41 -22.67 3.50
C LEU E 121 -8.24 -22.15 2.68
N ALA E 122 -7.11 -21.85 3.34
CA ALA E 122 -5.98 -21.28 2.62
C ALA E 122 -5.26 -22.33 1.77
N VAL E 123 -5.24 -23.59 2.21
CA VAL E 123 -4.45 -24.60 1.52
C VAL E 123 -5.29 -25.33 0.49
N ALA E 124 -6.44 -25.87 0.91
CA ALA E 124 -7.26 -26.68 0.02
C ALA E 124 -8.00 -25.84 -1.01
N HIS E 125 -8.31 -24.59 -0.71
CA HIS E 125 -9.04 -23.70 -1.62
C HIS E 125 -8.30 -22.37 -1.73
N PRO E 126 -7.15 -22.35 -2.40
CA PRO E 126 -6.36 -21.11 -2.46
C PRO E 126 -6.99 -20.04 -3.34
N PHE E 127 -7.83 -20.41 -4.29
CA PHE E 127 -8.38 -19.45 -5.26
C PHE E 127 -9.74 -18.91 -4.87
N ARG E 128 -10.35 -19.41 -3.81
CA ARG E 128 -11.65 -18.91 -3.43
C ARG E 128 -11.70 -18.51 -1.97
N PHE E 129 -12.88 -18.09 -1.53
CA PHE E 129 -13.13 -17.70 -0.15
C PHE E 129 -12.10 -16.68 0.34
N HIS E 130 -11.80 -15.70 -0.51
CA HIS E 130 -10.85 -14.65 -0.15
C HIS E 130 -11.50 -13.65 0.80
N GLN E 131 -12.78 -13.71 0.93
CA GLN E 131 -13.45 -12.79 1.81
C GLN E 131 -13.23 -13.36 3.15
N PHE E 132 -13.53 -14.61 3.34
CA PHE E 132 -13.40 -15.20 4.66
C PHE E 132 -12.00 -15.19 5.28
N ARG E 133 -10.96 -14.91 4.51
CA ARG E 133 -9.68 -14.92 5.09
C ARG E 133 -9.16 -13.55 5.18
N THR E 134 -9.97 -12.62 5.60
CA THR E 134 -9.56 -11.25 5.83
C THR E 134 -9.50 -10.97 7.33
N LEU E 135 -8.87 -9.85 7.68
CA LEU E 135 -8.77 -9.45 9.08
C LEU E 135 -10.14 -9.13 9.66
N LYS E 136 -11.05 -8.57 8.87
CA LYS E 136 -12.38 -8.26 9.37
C LYS E 136 -13.12 -9.53 9.77
N ALA E 137 -13.05 -10.57 8.93
CA ALA E 137 -13.70 -11.83 9.28
C ALA E 137 -13.06 -12.46 10.52
N ALA E 138 -11.74 -12.37 10.62
CA ALA E 138 -11.05 -12.93 11.78
C ALA E 138 -11.47 -12.24 13.07
N VAL E 139 -11.52 -10.91 13.06
CA VAL E 139 -11.93 -10.21 14.27
C VAL E 139 -13.41 -10.44 14.53
N GLY E 140 -14.22 -10.62 13.50
CA GLY E 140 -15.63 -10.93 13.73
C GLY E 140 -15.83 -12.25 14.42
N VAL E 141 -15.13 -13.30 13.96
CA VAL E 141 -15.28 -14.60 14.61
C VAL E 141 -14.64 -14.58 16.00
N SER E 142 -13.56 -13.80 16.19
CA SER E 142 -12.99 -13.68 17.52
C SER E 142 -13.97 -13.01 18.48
N VAL E 143 -14.65 -11.96 18.01
CA VAL E 143 -15.65 -11.30 18.84
C VAL E 143 -16.80 -12.25 19.15
N VAL E 144 -17.20 -13.07 18.17
CA VAL E 144 -18.26 -14.04 18.43
C VAL E 144 -17.84 -15.04 19.51
N ILE E 145 -16.60 -15.53 19.41
CA ILE E 145 -16.13 -16.51 20.40
C ILE E 145 -16.06 -15.89 21.79
N TRP E 146 -15.54 -14.66 21.88
CA TRP E 146 -15.45 -14.02 23.18
C TRP E 146 -16.83 -13.64 23.71
N ALA E 147 -17.76 -13.52 22.86
CA ALA E 147 -19.05 -13.30 23.35
C ALA E 147 -19.36 -14.53 24.11
N LYS E 148 -19.12 -15.70 23.54
CA LYS E 148 -19.54 -16.88 24.23
C LYS E 148 -19.00 -16.90 25.63
N GLU E 149 -17.74 -16.55 25.82
CA GLU E 149 -17.24 -16.48 27.19
C GLU E 149 -18.11 -15.57 28.02
N LEU E 150 -18.23 -14.32 27.64
CA LEU E 150 -19.12 -13.45 28.35
C LEU E 150 -20.40 -14.16 28.57
N LEU E 151 -20.97 -14.74 27.56
CA LEU E 151 -22.23 -15.36 27.75
C LEU E 151 -22.28 -16.70 28.37
N THR E 152 -21.18 -17.24 28.85
CA THR E 152 -21.17 -18.51 29.55
C THR E 152 -20.78 -18.09 30.92
N SER E 153 -19.84 -17.21 30.98
CA SER E 153 -19.42 -16.63 32.25
C SER E 153 -20.61 -16.11 33.02
N ILE E 154 -21.59 -15.61 32.34
CA ILE E 154 -22.72 -15.10 33.02
C ILE E 154 -23.45 -16.24 33.53
N TYR E 155 -23.66 -17.23 32.74
CA TYR E 155 -24.39 -18.41 33.18
C TYR E 155 -23.78 -19.01 34.44
N PHE E 156 -22.45 -19.05 34.50
CA PHE E 156 -21.80 -19.63 35.68
C PHE E 156 -21.89 -18.70 36.89
N LEU E 157 -21.79 -17.39 36.69
CA LEU E 157 -22.03 -16.45 37.79
C LEU E 157 -23.47 -16.52 38.29
N MET E 158 -24.40 -17.02 37.48
CA MET E 158 -25.76 -17.21 37.97
C MET E 158 -25.79 -18.18 39.14
N HIS E 159 -25.02 -19.26 39.06
CA HIS E 159 -24.95 -20.24 40.12
C HIS E 159 -23.86 -19.88 41.12
N GLU E 160 -24.06 -20.31 42.37
CA GLU E 160 -23.10 -20.09 43.45
C GLU E 160 -22.49 -21.43 43.83
N GLU E 161 -21.21 -21.54 43.56
CA GLU E 161 -20.50 -22.76 43.77
C GLU E 161 -19.35 -22.74 44.70
N VAL E 162 -19.67 -22.76 45.96
CA VAL E 162 -18.68 -22.86 47.03
C VAL E 162 -19.30 -23.71 48.11
N ILE E 163 -18.78 -24.92 48.29
CA ILE E 163 -19.35 -25.89 49.23
C ILE E 163 -18.30 -26.17 50.31
N GLU E 164 -18.70 -26.04 51.57
CA GLU E 164 -17.81 -26.38 52.66
C GLU E 164 -17.91 -27.88 52.95
N ASP E 165 -16.78 -28.56 52.96
CA ASP E 165 -16.75 -30.00 53.15
C ASP E 165 -16.70 -30.33 54.65
N GLU E 166 -16.44 -31.60 54.97
CA GLU E 166 -16.43 -32.02 56.37
C GLU E 166 -15.34 -31.30 57.15
N ASN E 167 -14.20 -31.03 56.52
CA ASN E 167 -13.07 -30.41 57.21
C ASN E 167 -13.12 -28.91 57.09
N GLN E 168 -14.27 -28.36 56.85
CA GLN E 168 -14.52 -26.92 56.77
C GLN E 168 -13.83 -26.26 55.59
N HIS E 169 -13.14 -27.01 54.74
CA HIS E 169 -12.54 -26.43 53.55
C HIS E 169 -13.60 -26.10 52.52
N ARG E 170 -13.45 -24.94 51.87
CA ARG E 170 -14.41 -24.47 50.87
C ARG E 170 -13.92 -24.90 49.50
N VAL E 171 -14.44 -26.03 49.01
CA VAL E 171 -14.12 -26.48 47.66
C VAL E 171 -14.67 -25.48 46.65
N CYS E 172 -13.95 -25.28 45.56
CA CYS E 172 -14.32 -24.28 44.57
C CYS E 172 -14.71 -24.96 43.26
N PHE E 173 -15.81 -24.60 42.65
CA PHE E 173 -16.27 -25.17 41.38
C PHE E 173 -16.41 -26.66 41.37
N GLU E 174 -16.75 -27.32 42.45
CA GLU E 174 -16.84 -28.77 42.40
C GLU E 174 -17.72 -29.23 43.55
N HIS E 175 -18.82 -29.84 43.18
CA HIS E 175 -19.77 -30.36 44.11
C HIS E 175 -19.69 -31.77 43.70
N TYR E 176 -19.13 -32.68 44.47
CA TYR E 176 -19.01 -34.03 44.00
C TYR E 176 -20.25 -34.82 43.67
N PRO E 177 -21.16 -34.86 44.55
CA PRO E 177 -22.31 -35.66 44.13
C PRO E 177 -22.98 -34.69 43.18
N ILE E 178 -22.83 -34.92 41.88
CA ILE E 178 -23.03 -33.86 40.91
C ILE E 178 -24.51 -33.45 40.88
N GLN E 179 -24.75 -32.20 40.52
CA GLN E 179 -26.04 -31.56 40.71
C GLN E 179 -26.89 -31.64 39.45
N ALA E 180 -28.15 -31.25 39.59
CA ALA E 180 -29.09 -31.34 38.48
C ALA E 180 -28.81 -30.30 37.41
N TRP E 181 -28.26 -29.14 37.79
CA TRP E 181 -27.85 -28.18 36.77
C TRP E 181 -26.62 -28.68 36.02
N GLN E 182 -25.77 -29.44 36.69
CA GLN E 182 -24.81 -30.28 35.99
C GLN E 182 -25.54 -31.53 35.48
N ARG E 183 -24.79 -32.48 34.94
CA ARG E 183 -25.30 -33.66 34.25
C ARG E 183 -26.02 -33.30 32.96
N ALA E 184 -26.18 -32.02 32.66
CA ALA E 184 -26.75 -31.54 31.41
C ALA E 184 -25.88 -30.52 30.72
N ILE E 185 -25.22 -29.65 31.48
CA ILE E 185 -24.23 -28.77 30.88
C ILE E 185 -22.98 -29.56 30.51
N ASN E 186 -22.76 -30.70 31.15
CA ASN E 186 -21.65 -31.56 30.76
C ASN E 186 -21.91 -32.19 29.40
N TYR E 187 -23.17 -32.53 29.10
CA TYR E 187 -23.52 -32.98 27.77
C TYR E 187 -23.22 -31.90 26.73
N TYR E 188 -23.56 -30.65 27.07
CA TYR E 188 -23.26 -29.53 26.17
C TYR E 188 -21.76 -29.39 25.98
N ARG E 189 -20.98 -29.53 27.05
CA ARG E 189 -19.54 -29.41 26.95
C ARG E 189 -18.95 -30.51 26.07
N PHE E 190 -19.45 -31.74 26.22
CA PHE E 190 -18.94 -32.85 25.42
C PHE E 190 -19.33 -32.71 23.96
N LEU E 191 -20.63 -32.57 23.68
CA LEU E 191 -21.09 -32.48 22.30
C LEU E 191 -20.56 -31.22 21.62
N VAL E 192 -20.74 -30.06 22.24
CA VAL E 192 -20.30 -28.79 21.70
C VAL E 192 -19.13 -28.33 22.56
N GLY E 193 -17.93 -28.61 22.10
CA GLY E 193 -16.74 -28.27 22.88
C GLY E 193 -15.69 -29.36 22.79
N PHE E 194 -16.10 -30.61 22.65
CA PHE E 194 -15.17 -31.67 22.29
C PHE E 194 -15.52 -32.36 20.99
N LEU E 195 -16.73 -32.90 20.86
CA LEU E 195 -17.06 -33.70 19.68
C LEU E 195 -17.10 -32.85 18.42
N PHE E 196 -17.82 -31.74 18.45
CA PHE E 196 -17.83 -30.84 17.31
C PHE E 196 -16.44 -30.27 17.01
N PRO E 197 -15.68 -29.77 17.98
CA PRO E 197 -14.32 -29.32 17.66
C PRO E 197 -13.41 -30.41 17.15
N ILE E 198 -13.49 -31.64 17.70
CA ILE E 198 -12.60 -32.69 17.21
C ILE E 198 -12.99 -33.09 15.80
N CYS E 199 -14.28 -33.11 15.49
CA CYS E 199 -14.72 -33.38 14.13
C CYS E 199 -14.25 -32.27 13.19
N LEU E 200 -14.33 -31.02 13.63
CA LEU E 200 -13.88 -29.90 12.81
C LEU E 200 -12.38 -29.98 12.54
N LEU E 201 -11.61 -30.36 13.56
CA LEU E 201 -10.17 -30.49 13.38
C LEU E 201 -9.82 -31.66 12.48
N LEU E 202 -10.49 -32.80 12.65
CA LEU E 202 -10.21 -33.95 11.82
C LEU E 202 -10.75 -33.80 10.41
N ALA E 203 -11.62 -32.81 10.17
CA ALA E 203 -12.06 -32.52 8.82
C ALA E 203 -11.19 -31.46 8.15
N SER E 204 -10.83 -30.40 8.88
CA SER E 204 -9.92 -29.41 8.32
C SER E 204 -8.58 -30.03 7.99
N TYR E 205 -7.97 -30.69 8.97
CA TYR E 205 -6.87 -31.59 8.66
C TYR E 205 -7.44 -32.84 8.00
N GLN E 206 -6.57 -33.55 7.28
CA GLN E 206 -6.94 -34.65 6.39
C GLN E 206 -7.63 -34.09 5.16
N GLY E 207 -7.92 -32.79 5.18
CA GLY E 207 -8.30 -32.04 4.00
C GLY E 207 -7.10 -31.24 3.57
N ILE E 208 -6.39 -30.69 4.55
CA ILE E 208 -5.06 -30.14 4.30
C ILE E 208 -4.10 -31.25 3.88
N LEU E 209 -4.16 -32.39 4.58
CA LEU E 209 -3.32 -33.53 4.24
C LEU E 209 -3.69 -34.15 2.92
N ARG E 210 -4.87 -33.83 2.36
CA ARG E 210 -5.20 -34.24 1.01
C ARG E 210 -4.79 -33.22 -0.03
N ALA E 211 -4.82 -31.93 0.32
CA ALA E 211 -4.25 -30.91 -0.56
C ALA E 211 -2.75 -31.08 -0.68
N VAL E 212 -2.06 -31.20 0.46
CA VAL E 212 -0.71 -31.73 0.43
C VAL E 212 -0.79 -33.21 0.07
N ARG E 213 0.26 -33.80 -0.40
CA ARG E 213 0.29 -35.16 -0.88
C ARG E 213 -0.51 -35.24 -2.07
N ARG E 214 -0.69 -34.13 -2.71
CA ARG E 214 -1.31 -34.04 -3.99
C ARG E 214 -0.60 -32.99 -4.81
N SER E 215 0.07 -32.06 -4.17
CA SER E 215 0.83 -31.01 -4.81
C SER E 215 2.14 -31.55 -5.36
N HIS E 216 2.53 -31.05 -6.52
CA HIS E 216 3.75 -31.48 -7.19
C HIS E 216 4.89 -30.48 -7.02
N GLY E 217 4.75 -29.51 -6.13
CA GLY E 217 5.75 -28.47 -5.99
C GLY E 217 6.62 -28.58 -4.75
N THR E 218 6.11 -29.22 -3.71
CA THR E 218 6.83 -29.39 -2.46
C THR E 218 7.53 -30.75 -2.43
N GLN E 219 8.73 -30.79 -1.93
CA GLN E 219 9.47 -32.00 -1.86
C GLN E 219 8.91 -33.01 -0.93
N LYS E 220 9.35 -34.23 -1.03
CA LYS E 220 8.82 -35.25 -0.13
C LYS E 220 9.21 -34.99 1.31
N SER E 221 10.37 -34.36 1.52
CA SER E 221 10.84 -34.04 2.86
C SER E 221 9.82 -33.16 3.56
N ARG E 222 9.54 -32.01 2.95
CA ARG E 222 8.57 -31.06 3.49
C ARG E 222 7.18 -31.68 3.55
N LYS E 223 6.85 -32.55 2.65
CA LYS E 223 5.53 -33.10 2.67
C LYS E 223 5.35 -34.01 3.75
N ASP E 224 6.38 -34.72 4.15
CA ASP E 224 6.32 -35.59 5.31
C ASP E 224 6.36 -34.77 6.60
N GLN E 225 7.13 -33.68 6.58
CA GLN E 225 7.24 -32.81 7.75
C GLN E 225 5.90 -32.17 8.09
N ILE E 226 5.17 -31.71 7.07
CA ILE E 226 3.86 -31.11 7.30
C ILE E 226 2.90 -32.14 7.89
N GLN E 227 2.92 -33.36 7.36
CA GLN E 227 2.07 -34.42 7.91
C GLN E 227 2.43 -34.72 9.35
N ARG E 228 3.72 -34.75 9.66
CA ARG E 228 4.14 -34.97 11.05
C ARG E 228 3.65 -33.86 11.96
N LEU E 229 3.74 -32.61 11.51
CA LEU E 229 3.25 -31.50 12.32
C LEU E 229 1.75 -31.59 12.55
N VAL E 230 0.99 -31.93 11.50
CA VAL E 230 -0.46 -32.01 11.62
C VAL E 230 -0.85 -33.15 12.57
N LEU E 231 -0.20 -34.31 12.43
CA LEU E 231 -0.47 -35.43 13.31
C LEU E 231 -0.11 -35.08 14.75
N SER E 232 1.00 -34.37 14.95
CA SER E 232 1.37 -33.96 16.30
C SER E 232 0.33 -33.02 16.90
N THR E 233 -0.16 -32.08 16.11
CA THR E 233 -1.17 -31.15 16.60
C THR E 233 -2.44 -31.90 17.02
N VAL E 234 -2.94 -32.77 16.14
CA VAL E 234 -4.18 -33.49 16.43
C VAL E 234 -3.99 -34.41 17.63
N VAL E 235 -2.86 -35.10 17.71
CA VAL E 235 -2.63 -36.04 18.80
C VAL E 235 -2.47 -35.30 20.13
N ILE E 236 -1.82 -34.14 20.11
CA ILE E 236 -1.67 -33.36 21.33
C ILE E 236 -3.04 -32.86 21.79
N PHE E 237 -3.86 -32.37 20.87
CA PHE E 237 -5.21 -31.96 21.24
C PHE E 237 -5.99 -33.12 21.86
N LEU E 238 -5.91 -34.29 21.24
CA LEU E 238 -6.62 -35.46 21.77
C LEU E 238 -6.11 -35.83 23.15
N ALA E 239 -4.80 -35.93 23.32
CA ALA E 239 -4.24 -36.31 24.62
C ALA E 239 -4.57 -35.28 25.69
N CYS E 240 -4.72 -34.01 25.31
CA CYS E 240 -5.04 -32.99 26.29
C CYS E 240 -6.51 -33.04 26.68
N PHE E 241 -7.42 -33.28 25.74
CA PHE E 241 -8.84 -33.06 26.01
C PHE E 241 -9.69 -34.32 26.07
N LEU E 242 -9.39 -35.35 25.28
CA LEU E 242 -10.25 -36.53 25.23
C LEU E 242 -10.43 -37.21 26.59
N PRO E 243 -9.39 -37.46 27.39
CA PRO E 243 -9.65 -38.07 28.70
C PRO E 243 -10.59 -37.25 29.57
N TYR E 244 -10.45 -35.93 29.54
CA TYR E 244 -11.27 -35.08 30.39
C TYR E 244 -12.74 -35.17 29.99
N HIS E 245 -13.03 -35.13 28.68
CA HIS E 245 -14.43 -35.16 28.26
C HIS E 245 -15.02 -36.56 28.37
N VAL E 246 -14.22 -37.60 28.15
CA VAL E 246 -14.70 -38.95 28.40
C VAL E 246 -15.08 -39.10 29.87
N LEU E 247 -14.23 -38.59 30.76
CA LEU E 247 -14.53 -38.69 32.19
C LEU E 247 -15.68 -37.79 32.59
N LEU E 248 -15.86 -36.65 31.90
CA LEU E 248 -17.04 -35.83 32.12
C LEU E 248 -18.31 -36.59 31.79
N LEU E 249 -18.23 -37.41 30.78
CA LEU E 249 -19.36 -38.20 30.49
C LEU E 249 -19.46 -39.23 31.53
N VAL E 250 -18.40 -39.91 31.86
CA VAL E 250 -18.47 -40.97 32.79
C VAL E 250 -18.94 -40.59 34.12
N ARG E 251 -18.81 -39.35 34.47
CA ARG E 251 -19.26 -38.76 35.72
C ARG E 251 -20.66 -38.14 35.58
N SER E 252 -21.12 -37.91 34.36
CA SER E 252 -22.47 -37.40 34.18
C SER E 252 -23.50 -38.50 33.92
N VAL E 253 -23.09 -39.71 33.65
CA VAL E 253 -24.11 -40.71 33.54
C VAL E 253 -24.10 -41.79 34.57
N TRP E 254 -22.96 -42.15 35.10
CA TRP E 254 -22.96 -43.13 36.18
C TRP E 254 -22.72 -42.57 37.58
N GLU E 255 -22.89 -41.26 37.77
CA GLU E 255 -22.68 -40.70 39.10
C GLU E 255 -24.03 -40.36 39.73
N ALA E 256 -24.38 -41.08 40.80
CA ALA E 256 -25.59 -40.81 41.55
C ALA E 256 -25.40 -40.87 43.06
N SER E 257 -24.24 -41.32 43.55
CA SER E 257 -24.03 -41.50 44.98
C SER E 257 -22.62 -41.07 45.34
N CYS E 258 -22.41 -40.84 46.65
CA CYS E 258 -21.11 -40.45 47.13
C CYS E 258 -20.06 -41.55 46.90
N ASP E 259 -20.50 -42.80 46.82
CA ASP E 259 -19.54 -43.89 46.62
C ASP E 259 -18.84 -43.77 45.28
N PHE E 260 -19.57 -43.42 44.22
CA PHE E 260 -18.97 -43.27 42.91
C PHE E 260 -18.03 -42.07 42.83
N ALA E 261 -18.32 -41.01 43.58
CA ALA E 261 -17.45 -39.84 43.57
C ALA E 261 -16.07 -40.19 44.09
N LYS E 262 -15.99 -40.94 45.18
CA LYS E 262 -14.69 -41.35 45.70
C LYS E 262 -13.95 -42.23 44.69
N GLY E 263 -14.68 -43.08 43.98
CA GLY E 263 -14.04 -43.95 43.00
C GLY E 263 -13.47 -43.19 41.81
N VAL E 264 -14.21 -42.21 41.28
CA VAL E 264 -13.81 -41.54 40.05
C VAL E 264 -13.12 -40.21 40.29
N PHE E 265 -12.93 -39.79 41.54
CA PHE E 265 -12.33 -38.50 41.83
C PHE E 265 -10.92 -38.41 41.28
N ASN E 266 -10.09 -39.43 41.57
CA ASN E 266 -8.69 -39.38 41.16
C ASN E 266 -8.56 -39.33 39.65
N ALA E 267 -9.32 -40.19 38.95
CA ALA E 267 -9.25 -40.20 37.49
C ALA E 267 -9.75 -38.89 36.90
N TYR E 268 -10.88 -38.38 37.39
CA TYR E 268 -11.44 -37.16 36.84
C TYR E 268 -10.50 -35.98 37.02
N HIS E 269 -9.88 -35.87 38.20
CA HIS E 269 -8.99 -34.75 38.42
C HIS E 269 -7.65 -34.93 37.73
N PHE E 270 -7.21 -36.16 37.51
CA PHE E 270 -6.03 -36.37 36.67
C PHE E 270 -6.30 -35.92 35.25
N SER E 271 -7.48 -36.23 34.71
CA SER E 271 -7.84 -35.75 33.37
C SER E 271 -7.94 -34.23 33.34
N LEU E 272 -8.51 -33.64 34.39
CA LEU E 272 -8.60 -32.19 34.46
C LEU E 272 -7.22 -31.55 34.46
N LEU E 273 -6.27 -32.14 35.20
CA LEU E 273 -4.90 -31.64 35.17
C LEU E 273 -4.26 -31.85 33.80
N LEU E 274 -4.61 -32.94 33.12
CA LEU E 274 -4.09 -33.16 31.77
C LEU E 274 -4.55 -32.06 30.82
N THR E 275 -5.78 -31.58 30.99
CA THR E 275 -6.25 -30.45 30.17
C THR E 275 -5.39 -29.21 30.36
N SER E 276 -4.68 -29.09 31.49
CA SER E 276 -3.90 -27.90 31.77
C SER E 276 -2.64 -27.78 30.92
N PHE E 277 -2.28 -28.82 30.18
CA PHE E 277 -1.10 -28.77 29.33
C PHE E 277 -1.40 -28.18 27.96
N ASN E 278 -2.66 -27.90 27.64
CA ASN E 278 -2.99 -27.30 26.36
C ASN E 278 -2.41 -25.89 26.25
N CYS E 279 -2.43 -25.12 27.33
CA CYS E 279 -1.91 -23.76 27.28
C CYS E 279 -0.39 -23.73 27.15
N VAL E 280 0.30 -24.82 27.49
CA VAL E 280 1.74 -24.89 27.29
C VAL E 280 2.10 -25.58 25.99
N ALA E 281 1.19 -26.35 25.39
CA ALA E 281 1.44 -26.96 24.10
C ALA E 281 1.02 -26.08 22.93
N ASP E 282 0.07 -25.18 23.13
CA ASP E 282 -0.39 -24.33 22.02
C ASP E 282 0.69 -23.42 21.47
N PRO E 283 1.46 -22.68 22.29
CA PRO E 283 2.54 -21.86 21.69
C PRO E 283 3.57 -22.69 20.96
N VAL E 284 3.83 -23.92 21.43
CA VAL E 284 4.80 -24.78 20.75
C VAL E 284 4.27 -25.22 19.39
N LEU E 285 3.01 -25.66 19.36
CA LEU E 285 2.44 -26.22 18.13
C LEU E 285 2.08 -25.16 17.11
N TYR E 286 1.72 -23.95 17.53
CA TYR E 286 1.21 -22.94 16.63
C TYR E 286 2.12 -21.74 16.44
N CYS E 287 3.15 -21.59 17.28
CA CYS E 287 4.08 -20.48 17.12
C CYS E 287 5.54 -20.87 17.10
N PHE E 288 5.97 -21.91 17.81
CA PHE E 288 7.39 -22.20 17.96
C PHE E 288 7.93 -23.07 16.85
N VAL E 289 7.13 -24.01 16.34
CA VAL E 289 7.60 -24.90 15.29
C VAL E 289 7.64 -24.24 13.92
N SER E 290 7.01 -23.08 13.77
CA SER E 290 6.97 -22.41 12.47
C SER E 290 8.37 -21.93 12.08
N GLU E 291 8.69 -22.07 10.79
CA GLU E 291 9.98 -21.62 10.30
C GLU E 291 10.12 -20.12 10.36
N THR E 292 9.01 -19.38 10.23
CA THR E 292 9.07 -17.93 10.31
C THR E 292 9.54 -17.46 11.68
N THR E 293 9.10 -18.17 12.73
CA THR E 293 9.52 -17.82 14.08
C THR E 293 11.02 -17.98 14.26
N HIS E 294 11.60 -19.04 13.70
CA HIS E 294 13.02 -19.32 13.88
C HIS E 294 13.89 -18.19 13.35
N ARG E 295 13.44 -17.52 12.28
CA ARG E 295 14.22 -16.41 11.73
C ARG E 295 14.33 -15.27 12.74
N ASP E 296 13.23 -14.93 13.41
CA ASP E 296 13.24 -13.86 14.41
C ASP E 296 13.43 -14.44 15.81
N LEU E 297 14.55 -15.15 15.98
CA LEU E 297 14.87 -15.79 17.25
C LEU E 297 16.33 -16.21 17.30
#